data_3MOZ
#
_entry.id   3MOZ
#
_cell.length_a   46.000
_cell.length_b   137.210
_cell.length_c   79.990
_cell.angle_alpha   90.000
_cell.angle_beta   102.970
_cell.angle_gamma   90.000
#
_symmetry.space_group_name_H-M   'P 1 21 1'
#
loop_
_entity.id
_entity.type
_entity.pdbx_description
1 polymer 'Myo-inositol hexaphosphate phosphohydrolase'
2 non-polymer 'PHOSPHATE ION'
3 non-polymer '(1R,2R,3R,4R,5S,6S)-6-HYDROXYCYCLOHEXANE-1,2,3,4,5-PENTAYL PENTAKIS[DIHYDROGEN (PHOSPHATE)]'
4 non-polymer GLYCEROL
5 non-polymer 'ACETATE ION'
6 non-polymer 'CHLORIDE ION'
7 water water
#
_entity_poly.entity_id   1
_entity_poly.type   'polypeptide(L)'
_entity_poly.pdbx_seq_one_letter_code
;QTVTEPVGSYARAERPQDFEGFVWRLDNDGKEALPRNFRTSADALRAPEKKFHLDAAYVPSREGMDALHISGSSAFTPAQ
LKNVAAKLREKTAGPIYDVDLRQESHGYLDGIPVSWYGERDWANLGKSQHEALADERHRLHAALHKTVYIAPLGKHKLPE
GGEVRRVQKVQTEQEVAEAAGMRYFRIAATDHVWPTPENIDRFLAFYRTLPQDAWLHFHAEAGVGRTTAFMVMTDMLKNP
SVSLKDILYRQHEIGGFYYGEFPIKTKDKDSWKTKYYREKIVMIEQFYRYVQENRADGYQTPWSVWLKSHPAKA
;
_entity_poly.pdbx_strand_id   A,B
#
# COMPACT_ATOMS: atom_id res chain seq x y z
N GLN A 1 19.46 -14.45 38.73
CA GLN A 1 18.19 -14.96 39.32
C GLN A 1 16.99 -14.66 38.40
N THR A 2 16.64 -13.38 38.31
CA THR A 2 15.53 -12.93 37.48
C THR A 2 15.70 -13.24 35.99
N VAL A 3 14.70 -13.91 35.42
CA VAL A 3 14.68 -14.24 33.99
C VAL A 3 13.59 -13.32 33.43
N THR A 4 13.94 -12.52 32.43
CA THR A 4 13.00 -11.56 31.86
C THR A 4 11.86 -12.19 31.06
N GLU A 5 12.18 -13.17 30.22
CA GLU A 5 11.14 -13.84 29.43
C GLU A 5 11.40 -15.33 29.44
N PRO A 6 10.44 -16.11 29.92
CA PRO A 6 10.59 -17.57 29.98
C PRO A 6 10.41 -18.22 28.61
N VAL A 7 10.87 -19.47 28.48
CA VAL A 7 10.68 -20.22 27.25
C VAL A 7 9.17 -20.29 27.07
N GLY A 8 8.71 -20.12 25.82
CA GLY A 8 7.29 -20.08 25.55
C GLY A 8 6.82 -18.64 25.40
N SER A 9 7.64 -17.68 25.85
CA SER A 9 7.26 -16.28 25.75
C SER A 9 8.33 -15.43 25.06
N TYR A 10 9.16 -16.05 24.22
CA TYR A 10 10.22 -15.26 23.56
C TYR A 10 9.70 -14.04 22.81
N ALA A 11 8.55 -14.16 22.15
CA ALA A 11 8.04 -13.04 21.36
C ALA A 11 7.77 -11.78 22.19
N ARG A 12 7.62 -11.93 23.50
CA ARG A 12 7.38 -10.77 24.35
C ARG A 12 8.58 -9.83 24.34
N ALA A 13 9.75 -10.34 23.93
CA ALA A 13 10.94 -9.46 23.88
C ALA A 13 10.99 -8.59 22.63
N GLU A 14 10.15 -8.89 21.62
CA GLU A 14 10.15 -8.09 20.39
C GLU A 14 9.38 -6.79 20.62
N ARG A 15 9.73 -5.75 19.88
CA ARG A 15 9.11 -4.44 20.02
C ARG A 15 7.97 -4.24 19.02
N PRO A 16 6.72 -4.17 19.52
CA PRO A 16 5.55 -3.99 18.64
C PRO A 16 5.64 -2.80 17.69
N GLN A 17 6.24 -1.70 18.15
CA GLN A 17 6.32 -0.52 17.29
C GLN A 17 7.14 -0.73 16.04
N ASP A 18 7.91 -1.81 15.97
CA ASP A 18 8.71 -2.08 14.79
C ASP A 18 8.00 -2.95 13.75
N PHE A 19 6.75 -3.33 14.02
CA PHE A 19 6.01 -4.19 13.09
C PHE A 19 4.58 -3.70 12.85
N GLU A 20 4.35 -2.39 12.91
CA GLU A 20 3.00 -1.84 12.73
C GLU A 20 2.43 -2.10 11.33
N GLY A 21 1.10 -2.30 11.29
CA GLY A 21 0.44 -2.60 10.03
C GLY A 21 0.57 -1.46 9.02
N PHE A 22 0.61 -1.82 7.74
CA PHE A 22 0.74 -0.79 6.71
C PHE A 22 -0.04 -1.05 5.42
N VAL A 23 -0.67 -2.23 5.31
CA VAL A 23 -1.42 -2.52 4.09
C VAL A 23 -2.49 -3.57 4.33
N TRP A 24 -3.56 -3.51 3.55
CA TRP A 24 -4.62 -4.54 3.62
C TRP A 24 -4.11 -5.63 2.68
N ARG A 25 -3.69 -6.73 3.27
CA ARG A 25 -3.20 -7.89 2.54
C ARG A 25 -4.37 -8.76 2.08
N LEU A 26 -4.29 -9.25 0.84
CA LEU A 26 -5.33 -10.15 0.32
C LEU A 26 -5.05 -11.51 0.96
N ASP A 27 -6.01 -12.04 1.71
CA ASP A 27 -5.81 -13.32 2.41
C ASP A 27 -6.05 -14.56 1.56
N ASN A 28 -6.91 -14.43 0.55
CA ASN A 28 -7.20 -15.56 -0.35
C ASN A 28 -7.77 -14.98 -1.64
N ASP A 29 -7.24 -15.41 -2.79
CA ASP A 29 -7.70 -14.89 -4.08
C ASP A 29 -9.05 -15.42 -4.56
N GLY A 30 -9.59 -16.39 -3.82
CA GLY A 30 -10.90 -16.93 -4.13
C GLY A 30 -11.03 -17.79 -5.37
N LYS A 31 -9.93 -18.19 -5.98
CA LYS A 31 -10.01 -19.00 -7.20
C LYS A 31 -10.37 -20.46 -7.03
N GLU A 32 -10.03 -21.03 -5.87
CA GLU A 32 -10.32 -22.44 -5.59
C GLU A 32 -11.61 -22.57 -4.80
N ALA A 33 -12.23 -23.75 -4.84
CA ALA A 33 -13.47 -23.96 -4.11
C ALA A 33 -13.26 -24.01 -2.60
N LEU A 34 -12.08 -24.47 -2.19
CA LEU A 34 -11.78 -24.57 -0.77
C LEU A 34 -10.55 -23.77 -0.41
N PRO A 35 -10.37 -23.50 0.89
CA PRO A 35 -9.19 -22.76 1.32
C PRO A 35 -8.01 -23.72 1.16
N ARG A 36 -6.79 -23.19 1.25
N ARG A 36 -6.80 -23.18 1.29
CA ARG A 36 -5.60 -24.01 1.13
CA ARG A 36 -5.57 -23.96 1.16
C ARG A 36 -5.35 -24.82 2.40
C ARG A 36 -5.30 -24.80 2.42
N ASN A 37 -4.59 -25.90 2.25
CA ASN A 37 -4.24 -26.76 3.38
C ASN A 37 -5.45 -27.27 4.16
N PHE A 38 -6.56 -27.48 3.46
CA PHE A 38 -7.74 -27.98 4.12
C PHE A 38 -7.57 -29.45 4.41
N ARG A 39 -7.85 -29.85 5.65
CA ARG A 39 -7.74 -31.26 6.02
C ARG A 39 -8.60 -31.53 7.21
N THR A 40 -8.97 -32.80 7.39
CA THR A 40 -9.79 -33.19 8.54
C THR A 40 -9.19 -34.43 9.19
N SER A 41 -9.55 -34.66 10.45
CA SER A 41 -9.06 -35.81 11.19
C SER A 41 -9.60 -37.13 10.64
N ALA A 42 -10.55 -37.05 9.71
CA ALA A 42 -11.09 -38.27 9.09
C ALA A 42 -10.25 -38.68 7.88
N ASP A 43 -9.31 -37.82 7.48
CA ASP A 43 -8.52 -38.08 6.27
C ASP A 43 -7.46 -39.16 6.38
N ALA A 44 -7.12 -39.75 5.23
CA ALA A 44 -6.08 -40.77 5.22
C ALA A 44 -4.71 -40.11 5.42
N LEU A 45 -3.77 -40.81 6.03
CA LEU A 45 -2.43 -40.25 6.22
C LEU A 45 -1.65 -40.36 4.90
N ARG A 46 -0.85 -39.35 4.60
CA ARG A 46 -0.01 -39.31 3.39
C ARG A 46 1.44 -39.44 3.83
N ALA A 47 2.34 -39.55 2.86
CA ALA A 47 3.77 -39.63 3.13
C ALA A 47 4.26 -38.35 3.76
N PRO A 48 5.23 -38.44 4.67
CA PRO A 48 5.72 -37.21 5.31
C PRO A 48 6.53 -36.36 4.33
N GLU A 49 6.61 -35.06 4.61
CA GLU A 49 7.38 -34.17 3.76
C GLU A 49 8.85 -34.42 4.04
N LYS A 50 9.64 -34.47 2.97
CA LYS A 50 11.06 -34.73 3.08
C LYS A 50 11.83 -33.81 4.02
N LYS A 51 11.49 -32.53 4.04
CA LYS A 51 12.21 -31.60 4.91
C LYS A 51 12.19 -31.93 6.39
N PHE A 52 11.23 -32.72 6.84
CA PHE A 52 11.17 -33.06 8.26
C PHE A 52 12.02 -34.29 8.65
N HIS A 53 12.59 -34.97 7.64
CA HIS A 53 13.43 -36.15 7.90
C HIS A 53 12.78 -37.17 8.81
N LEU A 54 11.55 -37.55 8.48
CA LEU A 54 10.82 -38.52 9.26
C LEU A 54 10.94 -39.92 8.66
N ASP A 55 10.43 -40.90 9.39
CA ASP A 55 10.44 -42.29 8.97
C ASP A 55 9.18 -42.55 8.13
N ALA A 56 9.35 -42.62 6.81
CA ALA A 56 8.23 -42.85 5.89
C ALA A 56 7.59 -44.21 6.09
N ALA A 57 8.34 -45.14 6.66
CA ALA A 57 7.79 -46.47 6.89
C ALA A 57 6.90 -46.53 8.12
N TYR A 58 7.09 -45.59 9.06
CA TYR A 58 6.29 -45.59 10.27
C TYR A 58 4.79 -45.47 10.02
N VAL A 59 4.02 -46.31 10.71
CA VAL A 59 2.56 -46.30 10.60
C VAL A 59 1.99 -45.79 11.93
N PRO A 60 1.64 -44.50 11.97
CA PRO A 60 1.09 -43.93 13.21
C PRO A 60 -0.23 -44.56 13.63
N SER A 61 -0.47 -44.61 14.93
CA SER A 61 -1.74 -45.11 15.44
C SER A 61 -2.84 -44.10 15.05
N ARG A 62 -4.01 -44.60 14.67
CA ARG A 62 -5.12 -43.72 14.34
C ARG A 62 -6.14 -43.76 15.47
N GLU A 63 -5.72 -44.28 16.62
CA GLU A 63 -6.60 -44.37 17.78
C GLU A 63 -7.21 -43.00 18.12
N GLY A 64 -8.54 -42.95 18.13
CA GLY A 64 -9.27 -41.74 18.46
C GLY A 64 -9.47 -40.75 17.32
N MET A 65 -8.87 -40.99 16.16
N MET A 65 -8.85 -41.01 16.16
CA MET A 65 -9.04 -40.03 15.07
CA MET A 65 -8.99 -40.10 15.02
C MET A 65 -10.47 -39.95 14.55
C MET A 65 -10.42 -39.97 14.51
N ASP A 66 -11.15 -41.09 14.48
CA ASP A 66 -12.52 -41.08 13.99
C ASP A 66 -13.47 -40.23 14.82
N ALA A 67 -13.23 -40.16 16.12
CA ALA A 67 -14.06 -39.38 17.02
C ALA A 67 -13.48 -37.99 17.33
N LEU A 68 -12.30 -37.69 16.78
CA LEU A 68 -11.65 -36.40 17.09
C LEU A 68 -12.46 -35.18 16.60
N HIS A 69 -12.96 -35.27 15.38
CA HIS A 69 -13.81 -34.25 14.79
C HIS A 69 -13.20 -32.85 14.71
N ILE A 70 -12.04 -32.75 14.09
CA ILE A 70 -11.42 -31.43 13.89
C ILE A 70 -10.92 -31.30 12.45
N SER A 71 -10.71 -30.07 12.02
CA SER A 71 -10.20 -29.81 10.70
C SER A 71 -9.39 -28.52 10.77
N GLY A 72 -8.64 -28.25 9.71
CA GLY A 72 -7.85 -27.03 9.66
C GLY A 72 -7.77 -26.52 8.23
N SER A 73 -7.45 -25.23 8.08
CA SER A 73 -7.26 -24.63 6.76
C SER A 73 -6.63 -23.26 6.87
N SER A 74 -6.33 -22.70 5.70
CA SER A 74 -5.85 -21.33 5.61
C SER A 74 -7.10 -20.41 5.72
N ALA A 75 -6.87 -19.12 5.52
CA ALA A 75 -7.94 -18.12 5.52
C ALA A 75 -8.77 -18.38 4.27
N PHE A 76 -9.95 -17.79 4.22
CA PHE A 76 -10.88 -18.09 3.11
C PHE A 76 -11.81 -16.95 2.73
N THR A 77 -12.41 -17.07 1.55
CA THR A 77 -13.43 -16.13 1.11
C THR A 77 -14.74 -16.68 1.73
N PRO A 78 -15.81 -15.86 1.75
CA PRO A 78 -17.07 -16.33 2.32
C PRO A 78 -17.59 -17.56 1.56
N ALA A 79 -17.46 -17.56 0.23
CA ALA A 79 -17.91 -18.72 -0.57
C ALA A 79 -17.15 -19.98 -0.19
N GLN A 80 -15.85 -19.84 0.06
CA GLN A 80 -15.03 -20.99 0.44
C GLN A 80 -15.46 -21.50 1.82
N LEU A 81 -15.78 -20.60 2.76
CA LEU A 81 -16.21 -21.07 4.08
C LEU A 81 -17.54 -21.82 3.94
N LYS A 82 -18.41 -21.35 3.05
CA LYS A 82 -19.67 -22.08 2.90
C LYS A 82 -19.40 -23.49 2.36
N ASN A 83 -18.43 -23.63 1.48
CA ASN A 83 -18.09 -24.95 0.94
C ASN A 83 -17.50 -25.83 2.05
N VAL A 84 -16.68 -25.23 2.91
CA VAL A 84 -16.11 -25.98 4.03
C VAL A 84 -17.25 -26.43 4.97
N ALA A 85 -18.15 -25.52 5.31
CA ALA A 85 -19.24 -25.88 6.21
C ALA A 85 -20.07 -27.01 5.64
N ALA A 86 -20.35 -26.96 4.34
CA ALA A 86 -21.15 -28.03 3.72
C ALA A 86 -20.44 -29.37 3.80
N LYS A 87 -19.13 -29.35 3.56
CA LYS A 87 -18.35 -30.59 3.64
C LYS A 87 -18.32 -31.12 5.06
N LEU A 88 -18.15 -30.25 6.05
CA LEU A 88 -18.11 -30.73 7.41
C LEU A 88 -19.48 -31.24 7.88
N ARG A 89 -20.56 -30.63 7.39
CA ARG A 89 -21.89 -31.07 7.80
C ARG A 89 -22.13 -32.51 7.34
N GLU A 90 -21.42 -32.97 6.31
CA GLU A 90 -21.59 -34.37 5.90
C GLU A 90 -20.99 -35.35 6.91
N LYS A 91 -20.11 -34.84 7.77
CA LYS A 91 -19.40 -35.66 8.74
C LYS A 91 -19.95 -35.61 10.16
N THR A 92 -20.89 -34.73 10.43
CA THR A 92 -21.39 -34.58 11.79
C THR A 92 -22.75 -33.92 11.89
N ALA A 93 -23.45 -34.21 12.99
CA ALA A 93 -24.75 -33.59 13.24
C ALA A 93 -24.60 -32.64 14.42
N GLY A 94 -23.35 -32.40 14.84
CA GLY A 94 -23.16 -31.51 15.97
C GLY A 94 -22.85 -30.08 15.53
N PRO A 95 -22.64 -29.16 16.48
CA PRO A 95 -22.33 -27.78 16.10
C PRO A 95 -20.94 -27.73 15.49
N ILE A 96 -20.80 -26.93 14.43
CA ILE A 96 -19.52 -26.77 13.75
C ILE A 96 -18.98 -25.38 14.10
N TYR A 97 -17.80 -25.34 14.69
CA TYR A 97 -17.20 -24.06 15.09
C TYR A 97 -16.11 -23.57 14.14
N ASP A 98 -16.15 -22.28 13.84
CA ASP A 98 -15.07 -21.65 13.07
C ASP A 98 -14.17 -21.13 14.20
N VAL A 99 -13.02 -21.77 14.45
CA VAL A 99 -12.10 -21.33 15.51
C VAL A 99 -11.00 -20.52 14.84
N ASP A 100 -11.18 -19.20 14.92
CA ASP A 100 -10.31 -18.18 14.30
C ASP A 100 -9.16 -17.91 15.23
N LEU A 101 -7.96 -18.30 14.81
CA LEU A 101 -6.76 -18.19 15.64
C LEU A 101 -5.91 -16.96 15.33
N ARG A 102 -6.47 -16.00 14.61
CA ARG A 102 -5.68 -14.86 14.16
C ARG A 102 -5.63 -13.64 15.08
N GLN A 103 -4.43 -13.26 15.51
CA GLN A 103 -4.30 -12.05 16.33
C GLN A 103 -4.38 -10.82 15.40
N GLU A 104 -3.94 -10.97 14.16
CA GLU A 104 -3.96 -9.83 13.24
C GLU A 104 -5.41 -9.43 12.94
N SER A 105 -5.63 -8.13 12.77
CA SER A 105 -6.95 -7.60 12.46
C SER A 105 -7.31 -8.03 11.04
N HIS A 106 -8.49 -8.61 10.87
CA HIS A 106 -8.88 -9.08 9.55
C HIS A 106 -10.39 -9.05 9.42
N GLY A 107 -10.85 -9.18 8.18
CA GLY A 107 -12.27 -9.14 7.95
C GLY A 107 -12.53 -9.24 6.46
N TYR A 108 -13.65 -8.70 6.03
CA TYR A 108 -14.03 -8.80 4.63
C TYR A 108 -14.50 -7.45 4.11
N LEU A 109 -13.89 -7.00 3.02
CA LEU A 109 -14.27 -5.74 2.38
C LEU A 109 -14.86 -6.12 1.01
N ASP A 110 -16.14 -5.82 0.83
CA ASP A 110 -16.84 -6.20 -0.40
C ASP A 110 -16.67 -7.71 -0.60
N GLY A 111 -16.71 -8.46 0.51
CA GLY A 111 -16.59 -9.91 0.47
C GLY A 111 -15.18 -10.45 0.26
N ILE A 112 -14.20 -9.55 0.14
CA ILE A 112 -12.81 -9.96 -0.07
C ILE A 112 -12.13 -10.10 1.28
N PRO A 113 -11.53 -11.29 1.57
CA PRO A 113 -10.86 -11.48 2.85
C PRO A 113 -9.52 -10.74 2.91
N VAL A 114 -9.39 -9.85 3.89
CA VAL A 114 -8.18 -9.05 4.01
C VAL A 114 -7.71 -9.00 5.46
N SER A 115 -6.44 -8.64 5.65
CA SER A 115 -5.89 -8.50 6.99
C SER A 115 -4.98 -7.28 6.99
N TRP A 116 -4.87 -6.62 8.15
CA TRP A 116 -4.04 -5.42 8.24
C TRP A 116 -2.66 -5.96 8.60
N TYR A 117 -1.79 -5.96 7.58
CA TYR A 117 -0.49 -6.57 7.66
C TYR A 117 0.66 -5.66 8.00
N GLY A 118 1.43 -6.05 9.01
CA GLY A 118 2.66 -5.35 9.40
C GLY A 118 3.77 -6.39 9.17
N GLU A 119 5.03 -5.97 9.22
N GLU A 119 5.04 -5.98 9.19
CA GLU A 119 6.15 -6.90 9.03
CA GLU A 119 6.12 -6.93 8.96
C GLU A 119 5.96 -8.15 9.90
C GLU A 119 5.98 -8.14 9.89
N ARG A 120 6.28 -9.32 9.35
CA ARG A 120 6.14 -10.62 10.05
C ARG A 120 4.69 -10.94 10.44
N ASP A 121 3.73 -10.18 9.91
CA ASP A 121 2.31 -10.32 10.27
C ASP A 121 2.14 -10.03 11.76
N TRP A 122 2.94 -9.10 12.28
CA TRP A 122 2.91 -8.77 13.70
C TRP A 122 2.28 -7.40 14.03
N ALA A 123 1.28 -6.98 13.25
CA ALA A 123 0.66 -5.68 13.48
C ALA A 123 -0.09 -5.54 14.82
N ASN A 124 -0.46 -6.66 15.44
CA ASN A 124 -1.13 -6.58 16.73
C ASN A 124 -0.29 -7.22 17.84
N LEU A 125 1.00 -7.38 17.57
CA LEU A 125 1.90 -7.95 18.59
C LEU A 125 1.82 -7.19 19.91
N GLY A 126 1.76 -7.92 21.01
CA GLY A 126 1.73 -7.29 22.32
C GLY A 126 0.39 -6.80 22.81
N LYS A 127 -0.61 -6.78 21.93
CA LYS A 127 -1.92 -6.33 22.36
C LYS A 127 -2.68 -7.44 23.06
N SER A 128 -3.52 -7.07 24.03
CA SER A 128 -4.39 -8.07 24.68
C SER A 128 -5.44 -8.43 23.62
N GLN A 129 -6.18 -9.52 23.83
CA GLN A 129 -7.17 -9.87 22.82
C GLN A 129 -8.21 -8.76 22.70
N HIS A 130 -8.59 -8.18 23.83
CA HIS A 130 -9.53 -7.05 23.87
C HIS A 130 -9.01 -5.91 22.97
N GLU A 131 -7.75 -5.52 23.14
CA GLU A 131 -7.16 -4.46 22.32
C GLU A 131 -7.06 -4.82 20.84
N ALA A 132 -6.70 -6.07 20.55
CA ALA A 132 -6.59 -6.51 19.16
C ALA A 132 -7.94 -6.44 18.45
N LEU A 133 -8.99 -6.89 19.12
N LEU A 133 -8.99 -6.90 19.13
CA LEU A 133 -10.30 -6.87 18.50
CA LEU A 133 -10.32 -6.90 18.56
C LEU A 133 -10.87 -5.47 18.37
C LEU A 133 -10.90 -5.49 18.41
N ALA A 134 -10.48 -4.58 19.28
CA ALA A 134 -10.96 -3.18 19.21
C ALA A 134 -10.28 -2.57 17.98
N ASP A 135 -9.00 -2.88 17.77
CA ASP A 135 -8.31 -2.35 16.60
C ASP A 135 -9.02 -2.84 15.34
N GLU A 136 -9.32 -4.14 15.29
CA GLU A 136 -9.99 -4.71 14.13
C GLU A 136 -11.36 -4.06 13.89
N ARG A 137 -12.17 -3.93 14.94
N ARG A 137 -12.13 -3.89 14.96
CA ARG A 137 -13.50 -3.32 14.75
CA ARG A 137 -13.47 -3.29 14.87
C ARG A 137 -13.38 -1.91 14.17
C ARG A 137 -13.42 -1.87 14.35
N HIS A 138 -12.53 -1.10 14.77
N HIS A 138 -12.41 -1.12 14.79
CA HIS A 138 -12.36 0.26 14.31
CA HIS A 138 -12.24 0.28 14.39
C HIS A 138 -11.87 0.32 12.87
C HIS A 138 -11.77 0.41 12.94
N ARG A 139 -10.84 -0.45 12.55
CA ARG A 139 -10.27 -0.43 11.19
C ARG A 139 -11.26 -0.89 10.14
N LEU A 140 -12.03 -1.92 10.45
CA LEU A 140 -13.00 -2.40 9.48
C LEU A 140 -14.06 -1.32 9.28
N HIS A 141 -14.55 -0.76 10.36
CA HIS A 141 -15.60 0.27 10.25
C HIS A 141 -15.12 1.49 9.48
N ALA A 142 -13.88 1.89 9.72
CA ALA A 142 -13.32 3.05 9.05
C ALA A 142 -13.14 2.85 7.55
N ALA A 143 -13.14 1.60 7.09
CA ALA A 143 -12.96 1.33 5.67
C ALA A 143 -14.24 1.51 4.87
N LEU A 144 -15.39 1.50 5.55
CA LEU A 144 -16.65 1.60 4.84
C LEU A 144 -16.76 2.93 4.09
N HIS A 145 -17.10 2.84 2.79
CA HIS A 145 -17.24 4.01 1.92
C HIS A 145 -15.95 4.75 1.69
N LYS A 146 -14.84 4.12 2.01
CA LYS A 146 -13.55 4.75 1.77
C LYS A 146 -12.77 3.96 0.73
N THR A 147 -11.78 4.60 0.14
CA THR A 147 -10.98 3.92 -0.86
C THR A 147 -9.85 3.16 -0.18
N VAL A 148 -9.69 1.90 -0.57
CA VAL A 148 -8.65 1.05 -0.01
C VAL A 148 -7.82 0.39 -1.09
N TYR A 149 -6.59 0.04 -0.73
CA TYR A 149 -5.66 -0.67 -1.62
C TYR A 149 -5.51 -2.07 -0.98
N ILE A 150 -5.89 -3.10 -1.74
CA ILE A 150 -5.80 -4.49 -1.27
C ILE A 150 -4.80 -5.19 -2.15
N ALA A 151 -3.81 -5.79 -1.52
CA ALA A 151 -2.79 -6.44 -2.32
C ALA A 151 -2.22 -7.71 -1.79
N PRO A 152 -1.80 -8.60 -2.69
CA PRO A 152 -1.19 -9.84 -2.26
C PRO A 152 0.28 -9.46 -2.00
N LEU A 153 0.98 -10.24 -1.16
CA LEU A 153 2.39 -9.95 -0.91
C LEU A 153 3.18 -10.76 -1.93
N GLY A 154 4.26 -10.18 -2.43
CA GLY A 154 5.04 -10.88 -3.42
C GLY A 154 6.50 -10.85 -3.05
N LYS A 155 7.31 -10.31 -3.96
CA LYS A 155 8.73 -10.21 -3.71
C LYS A 155 8.92 -9.47 -2.41
N HIS A 156 9.81 -10.02 -1.59
CA HIS A 156 10.20 -9.51 -0.27
C HIS A 156 9.11 -9.35 0.77
N LYS A 157 7.99 -10.06 0.62
CA LYS A 157 6.89 -9.93 1.55
C LYS A 157 6.35 -8.49 1.52
N LEU A 158 6.40 -7.88 0.34
CA LEU A 158 5.88 -6.52 0.17
C LEU A 158 4.78 -6.56 -0.90
N PRO A 159 3.85 -5.59 -0.85
CA PRO A 159 2.76 -5.56 -1.84
C PRO A 159 3.24 -5.62 -3.28
N GLU A 160 2.46 -6.30 -4.10
CA GLU A 160 2.79 -6.42 -5.51
C GLU A 160 1.47 -6.41 -6.27
N GLY A 161 1.19 -5.33 -6.99
CA GLY A 161 -0.05 -5.27 -7.75
C GLY A 161 -1.24 -5.14 -6.82
N GLY A 162 -2.33 -5.85 -7.10
CA GLY A 162 -3.49 -5.76 -6.25
C GLY A 162 -4.60 -4.96 -6.91
N GLU A 163 -5.44 -4.33 -6.11
CA GLU A 163 -6.53 -3.53 -6.66
C GLU A 163 -6.92 -2.42 -5.71
N VAL A 164 -7.61 -1.43 -6.26
CA VAL A 164 -8.06 -0.28 -5.50
C VAL A 164 -9.57 -0.23 -5.62
N ARG A 165 -10.26 -0.10 -4.50
CA ARG A 165 -11.72 -0.01 -4.57
C ARG A 165 -12.30 0.84 -3.46
N ARG A 166 -13.50 1.34 -3.72
N ARG A 166 -13.50 1.39 -3.69
CA ARG A 166 -14.22 2.14 -2.77
CA ARG A 166 -14.17 2.21 -2.68
C ARG A 166 -15.12 1.10 -2.14
C ARG A 166 -15.22 1.29 -2.07
N VAL A 167 -14.93 0.84 -0.86
CA VAL A 167 -15.72 -0.15 -0.13
C VAL A 167 -17.18 0.14 0.15
N GLN A 168 -18.06 -0.81 -0.23
CA GLN A 168 -19.48 -0.66 -0.01
C GLN A 168 -20.04 -1.59 1.07
N LYS A 169 -19.23 -2.54 1.51
CA LYS A 169 -19.71 -3.48 2.52
C LYS A 169 -18.54 -3.96 3.36
N VAL A 170 -18.76 -4.04 4.67
N VAL A 170 -18.73 -4.01 4.67
CA VAL A 170 -17.72 -4.51 5.56
CA VAL A 170 -17.68 -4.50 5.58
C VAL A 170 -18.35 -5.59 6.44
C VAL A 170 -18.27 -5.52 6.54
N GLN A 171 -17.59 -6.65 6.71
CA GLN A 171 -18.07 -7.72 7.58
C GLN A 171 -16.92 -8.26 8.41
N THR A 172 -17.25 -8.73 9.61
CA THR A 172 -16.24 -9.36 10.46
C THR A 172 -16.28 -10.85 10.11
N GLU A 173 -15.28 -11.59 10.56
CA GLU A 173 -15.31 -13.02 10.29
C GLU A 173 -16.44 -13.66 11.08
N GLN A 174 -16.77 -13.09 12.24
CA GLN A 174 -17.88 -13.65 13.03
C GLN A 174 -19.16 -13.63 12.19
N GLU A 175 -19.39 -12.53 11.46
CA GLU A 175 -20.60 -12.45 10.63
C GLU A 175 -20.56 -13.44 9.50
N VAL A 176 -19.39 -13.60 8.91
CA VAL A 176 -19.23 -14.53 7.80
C VAL A 176 -19.41 -15.98 8.27
N ALA A 177 -18.88 -16.31 9.44
CA ALA A 177 -19.05 -17.64 10.00
C ALA A 177 -20.53 -17.93 10.28
N GLU A 178 -21.20 -16.97 10.89
CA GLU A 178 -22.61 -17.19 11.19
C GLU A 178 -23.43 -17.34 9.91
N ALA A 179 -23.07 -16.62 8.86
CA ALA A 179 -23.78 -16.75 7.58
C ALA A 179 -23.51 -18.12 6.93
N ALA A 180 -22.42 -18.78 7.31
CA ALA A 180 -22.08 -20.09 6.78
C ALA A 180 -22.68 -21.19 7.68
N GLY A 181 -23.33 -20.80 8.77
CA GLY A 181 -23.93 -21.82 9.62
C GLY A 181 -23.00 -22.39 10.67
N MET A 182 -21.94 -21.63 10.96
CA MET A 182 -20.95 -22.08 11.95
C MET A 182 -20.98 -21.18 13.17
N ARG A 183 -20.64 -21.74 14.32
CA ARG A 183 -20.53 -20.97 15.55
C ARG A 183 -19.13 -20.36 15.39
N TYR A 184 -18.81 -19.33 16.16
CA TYR A 184 -17.53 -18.65 16.01
C TYR A 184 -16.82 -18.49 17.34
N PHE A 185 -15.50 -18.75 17.36
CA PHE A 185 -14.75 -18.54 18.59
C PHE A 185 -13.40 -17.99 18.18
N ARG A 186 -12.98 -16.88 18.80
CA ARG A 186 -11.72 -16.23 18.43
C ARG A 186 -10.63 -16.40 19.48
N ILE A 187 -9.43 -16.75 19.03
CA ILE A 187 -8.26 -16.83 19.92
C ILE A 187 -7.20 -15.99 19.18
N ALA A 188 -6.80 -14.87 19.77
CA ALA A 188 -5.87 -13.98 19.09
C ALA A 188 -4.42 -14.39 19.23
N ALA A 189 -3.99 -15.34 18.38
CA ALA A 189 -2.60 -15.85 18.42
C ALA A 189 -1.70 -15.20 17.40
N THR A 190 -0.49 -14.89 17.81
CA THR A 190 0.47 -14.24 16.93
C THR A 190 1.06 -15.20 15.90
N ASP A 191 1.12 -14.75 14.65
CA ASP A 191 1.66 -15.56 13.56
C ASP A 191 3.12 -15.91 13.84
N HIS A 192 3.50 -17.14 13.46
CA HIS A 192 4.88 -17.66 13.53
C HIS A 192 5.45 -18.06 14.87
N VAL A 193 4.72 -17.85 15.95
CA VAL A 193 5.26 -18.18 17.27
C VAL A 193 4.33 -19.08 18.06
N TRP A 194 4.83 -19.62 19.16
CA TRP A 194 4.04 -20.50 20.03
C TRP A 194 2.92 -19.69 20.69
N PRO A 195 1.68 -20.21 20.71
CA PRO A 195 0.56 -19.49 21.33
C PRO A 195 0.88 -19.16 22.80
N THR A 196 0.43 -18.00 23.26
CA THR A 196 0.72 -17.53 24.61
C THR A 196 -0.06 -18.29 25.68
N PRO A 197 0.36 -18.16 26.94
CA PRO A 197 -0.38 -18.87 27.99
C PRO A 197 -1.83 -18.37 28.03
N GLU A 198 -2.04 -17.08 27.74
CA GLU A 198 -3.39 -16.51 27.72
C GLU A 198 -4.22 -17.16 26.59
N ASN A 199 -3.61 -17.33 25.42
CA ASN A 199 -4.29 -17.94 24.27
C ASN A 199 -4.71 -19.37 24.64
N ILE A 200 -3.77 -20.11 25.23
CA ILE A 200 -4.07 -21.52 25.56
C ILE A 200 -5.06 -21.64 26.72
N ASP A 201 -4.96 -20.78 27.74
CA ASP A 201 -5.96 -20.85 28.84
C ASP A 201 -7.36 -20.63 28.25
N ARG A 202 -7.48 -19.67 27.33
CA ARG A 202 -8.76 -19.36 26.71
C ARG A 202 -9.27 -20.58 25.94
N PHE A 203 -8.38 -21.21 25.20
CA PHE A 203 -8.79 -22.38 24.44
C PHE A 203 -9.22 -23.50 25.34
N LEU A 204 -8.47 -23.76 26.42
CA LEU A 204 -8.84 -24.86 27.29
C LEU A 204 -10.20 -24.64 27.98
N ALA A 205 -10.48 -23.42 28.38
CA ALA A 205 -11.77 -23.15 29.03
C ALA A 205 -12.91 -23.38 28.03
N PHE A 206 -12.68 -23.02 26.78
CA PHE A 206 -13.64 -23.20 25.68
C PHE A 206 -13.82 -24.70 25.43
N TYR A 207 -12.71 -25.42 25.36
CA TYR A 207 -12.75 -26.85 25.08
C TYR A 207 -13.57 -27.60 26.13
N ARG A 208 -13.37 -27.26 27.39
N ARG A 208 -13.37 -27.23 27.39
CA ARG A 208 -14.05 -27.93 28.49
CA ARG A 208 -14.05 -27.88 28.53
C ARG A 208 -15.58 -27.87 28.45
C ARG A 208 -15.57 -27.83 28.49
N THR A 209 -16.15 -26.82 27.86
CA THR A 209 -17.60 -26.74 27.81
C THR A 209 -18.25 -27.13 26.49
N LEU A 210 -17.48 -27.70 25.58
CA LEU A 210 -18.02 -28.09 24.29
C LEU A 210 -18.90 -29.33 24.37
N PRO A 211 -19.94 -29.39 23.53
N PRO A 211 -19.99 -29.37 23.58
CA PRO A 211 -20.85 -30.54 23.50
CA PRO A 211 -20.79 -30.58 23.67
C PRO A 211 -20.00 -31.71 22.96
C PRO A 211 -19.96 -31.70 23.07
N GLN A 212 -20.34 -32.93 23.34
CA GLN A 212 -19.57 -34.07 22.85
C GLN A 212 -19.38 -34.13 21.35
N ASP A 213 -20.40 -33.73 20.58
CA ASP A 213 -20.34 -33.83 19.14
C ASP A 213 -19.89 -32.58 18.41
N ALA A 214 -19.24 -31.66 19.12
CA ALA A 214 -18.78 -30.44 18.46
C ALA A 214 -17.66 -30.76 17.47
N TRP A 215 -17.64 -30.04 16.35
CA TRP A 215 -16.61 -30.20 15.34
C TRP A 215 -15.87 -28.87 15.33
N LEU A 216 -14.55 -28.91 15.47
CA LEU A 216 -13.78 -27.66 15.46
C LEU A 216 -12.99 -27.49 14.19
N HIS A 217 -13.30 -26.41 13.45
CA HIS A 217 -12.53 -26.11 12.26
C HIS A 217 -11.59 -24.96 12.61
N PHE A 218 -10.31 -25.29 12.73
CA PHE A 218 -9.29 -24.29 13.07
C PHE A 218 -8.71 -23.64 11.86
N HIS A 219 -8.39 -22.36 11.96
CA HIS A 219 -7.69 -21.72 10.86
C HIS A 219 -7.02 -20.47 11.33
N ALA A 220 -5.98 -20.09 10.60
CA ALA A 220 -5.34 -18.81 10.82
C ALA A 220 -5.16 -18.21 9.43
N GLU A 221 -3.95 -17.84 9.03
CA GLU A 221 -3.77 -17.25 7.70
C GLU A 221 -3.36 -18.30 6.64
N ALA A 222 -2.29 -19.03 6.90
CA ALA A 222 -1.78 -20.02 5.96
C ALA A 222 -2.27 -21.44 6.23
N GLY A 223 -2.69 -21.73 7.46
CA GLY A 223 -3.15 -23.07 7.81
C GLY A 223 -2.00 -23.98 8.18
N VAL A 224 -0.90 -23.38 8.64
CA VAL A 224 0.28 -24.15 9.02
C VAL A 224 0.65 -24.08 10.50
N GLY A 225 1.36 -23.03 10.92
CA GLY A 225 1.82 -22.97 12.30
C GLY A 225 0.79 -22.94 13.44
N ARG A 226 -0.01 -21.90 13.49
CA ARG A 226 -1.02 -21.80 14.57
C ARG A 226 -2.08 -22.85 14.37
N THR A 227 -2.48 -23.03 13.11
CA THR A 227 -3.52 -24.00 12.80
C THR A 227 -3.12 -25.38 13.28
N THR A 228 -1.91 -25.82 12.95
CA THR A 228 -1.53 -27.17 13.39
C THR A 228 -1.30 -27.23 14.90
N ALA A 229 -0.79 -26.15 15.49
CA ALA A 229 -0.54 -26.18 16.93
C ALA A 229 -1.82 -26.48 17.71
N PHE A 230 -2.90 -25.80 17.38
CA PHE A 230 -4.15 -26.06 18.09
C PHE A 230 -4.78 -27.40 17.71
N MET A 231 -4.54 -27.87 16.50
CA MET A 231 -5.05 -29.20 16.15
C MET A 231 -4.30 -30.26 17.00
N VAL A 232 -2.99 -30.09 17.14
CA VAL A 232 -2.18 -31.00 17.93
C VAL A 232 -2.62 -30.95 19.40
N MET A 233 -2.85 -29.74 19.90
N MET A 233 -2.84 -29.75 19.93
CA MET A 233 -3.30 -29.56 21.28
CA MET A 233 -3.26 -29.66 21.32
C MET A 233 -4.59 -30.34 21.50
C MET A 233 -4.62 -30.33 21.54
N THR A 234 -5.55 -30.16 20.60
CA THR A 234 -6.84 -30.82 20.75
C THR A 234 -6.72 -32.34 20.69
N ASP A 235 -5.87 -32.83 19.78
CA ASP A 235 -5.68 -34.29 19.64
C ASP A 235 -5.10 -34.84 20.97
N MET A 236 -4.11 -34.14 21.53
CA MET A 236 -3.52 -34.58 22.79
C MET A 236 -4.56 -34.58 23.93
N LEU A 237 -5.34 -33.51 24.03
CA LEU A 237 -6.36 -33.42 25.08
C LEU A 237 -7.42 -34.50 24.97
N LYS A 238 -7.90 -34.72 23.76
CA LYS A 238 -8.97 -35.69 23.56
C LYS A 238 -8.52 -37.15 23.53
N ASN A 239 -7.25 -37.38 23.18
CA ASN A 239 -6.69 -38.73 23.05
C ASN A 239 -5.38 -38.84 23.84
N PRO A 240 -5.47 -38.67 25.15
CA PRO A 240 -4.31 -38.73 26.03
C PRO A 240 -3.54 -40.02 26.10
N SER A 241 -4.14 -41.11 25.65
CA SER A 241 -3.42 -42.39 25.69
C SER A 241 -2.52 -42.58 24.47
N VAL A 242 -2.64 -41.69 23.48
CA VAL A 242 -1.85 -41.80 22.27
C VAL A 242 -0.46 -41.19 22.50
N SER A 243 0.58 -41.83 21.98
CA SER A 243 1.94 -41.33 22.18
C SER A 243 2.19 -40.00 21.48
N LEU A 244 3.11 -39.21 22.04
CA LEU A 244 3.48 -37.93 21.42
C LEU A 244 3.89 -38.14 19.95
N LYS A 245 4.70 -39.16 19.69
CA LYS A 245 5.16 -39.44 18.33
C LYS A 245 3.98 -39.66 17.39
N ASP A 246 3.01 -40.48 17.82
CA ASP A 246 1.86 -40.73 16.97
C ASP A 246 1.05 -39.46 16.71
N ILE A 247 0.84 -38.64 17.73
CA ILE A 247 0.08 -37.40 17.54
C ILE A 247 0.80 -36.49 16.52
N LEU A 248 2.11 -36.29 16.70
CA LEU A 248 2.85 -35.40 15.83
C LEU A 248 2.92 -35.92 14.38
N TYR A 249 3.19 -37.22 14.23
CA TYR A 249 3.23 -37.78 12.90
C TYR A 249 1.86 -37.68 12.21
N ARG A 250 0.79 -38.07 12.91
CA ARG A 250 -0.50 -38.07 12.24
C ARG A 250 -1.05 -36.70 11.91
N GLN A 251 -0.80 -35.71 12.76
CA GLN A 251 -1.27 -34.36 12.43
C GLN A 251 -0.46 -33.82 11.24
N HIS A 252 0.79 -34.24 11.12
CA HIS A 252 1.58 -33.83 9.98
C HIS A 252 1.09 -34.58 8.72
N GLU A 253 0.88 -35.88 8.84
CA GLU A 253 0.51 -36.67 7.67
C GLU A 253 -0.89 -36.46 7.10
N ILE A 254 -1.78 -35.80 7.83
CA ILE A 254 -3.07 -35.45 7.21
C ILE A 254 -2.96 -34.07 6.55
N GLY A 255 -1.80 -33.43 6.65
CA GLY A 255 -1.61 -32.14 6.00
C GLY A 255 -1.21 -30.96 6.87
N GLY A 256 -0.70 -31.21 8.06
CA GLY A 256 -0.31 -30.11 8.92
C GLY A 256 1.19 -30.01 9.04
N PHE A 257 1.65 -29.07 9.85
CA PHE A 257 3.08 -28.93 10.11
C PHE A 257 3.51 -30.11 10.99
N TYR A 258 4.81 -30.39 11.02
CA TYR A 258 5.34 -31.45 11.88
C TYR A 258 5.97 -30.73 13.06
N TYR A 259 5.44 -30.99 14.24
CA TYR A 259 5.88 -30.29 15.44
C TYR A 259 6.88 -30.97 16.34
N GLY A 260 7.61 -31.94 15.78
CA GLY A 260 8.64 -32.60 16.56
C GLY A 260 10.00 -32.08 16.11
N GLU A 261 11.07 -32.68 16.61
CA GLU A 261 12.40 -32.23 16.22
C GLU A 261 12.71 -32.53 14.76
N PHE A 262 13.38 -31.60 14.10
CA PHE A 262 13.82 -31.77 12.72
C PHE A 262 14.94 -30.77 12.42
N PRO A 263 15.67 -30.97 11.31
CA PRO A 263 16.78 -30.08 10.89
C PRO A 263 16.24 -28.76 10.39
N ILE A 264 16.18 -27.75 11.27
CA ILE A 264 15.67 -26.45 10.88
C ILE A 264 16.64 -25.77 9.94
N LYS A 265 16.13 -25.36 8.79
CA LYS A 265 16.92 -24.67 7.77
C LYS A 265 16.12 -23.48 7.32
N THR A 266 16.72 -22.30 7.35
CA THR A 266 16.01 -21.10 6.95
C THR A 266 16.87 -20.34 5.96
N LYS A 267 16.22 -19.54 5.12
CA LYS A 267 16.93 -18.69 4.18
C LYS A 267 17.51 -17.62 5.09
N ASP A 268 18.61 -17.00 4.70
CA ASP A 268 19.21 -15.96 5.51
C ASP A 268 18.20 -14.88 5.93
N LYS A 269 17.31 -14.52 5.02
CA LYS A 269 16.32 -13.48 5.31
C LYS A 269 15.26 -13.95 6.31
N ASP A 270 15.22 -15.24 6.57
CA ASP A 270 14.25 -15.79 7.52
C ASP A 270 14.94 -16.31 8.75
N SER A 271 16.20 -15.94 8.97
CA SER A 271 16.92 -16.46 10.11
C SER A 271 16.27 -16.10 11.45
N TRP A 272 15.43 -15.07 11.47
CA TRP A 272 14.77 -14.68 12.72
C TRP A 272 13.80 -15.79 13.18
N LYS A 273 13.33 -16.59 12.22
CA LYS A 273 12.38 -17.65 12.57
C LYS A 273 12.96 -18.84 13.33
N THR A 274 14.25 -19.09 13.17
CA THR A 274 14.90 -20.24 13.79
C THR A 274 14.60 -20.46 15.24
N LYS A 275 14.79 -19.43 16.07
CA LYS A 275 14.56 -19.66 17.48
C LYS A 275 13.10 -19.89 17.81
N TYR A 276 12.20 -19.36 16.99
CA TYR A 276 10.77 -19.56 17.23
C TYR A 276 10.37 -20.99 16.88
N TYR A 277 10.99 -21.56 15.84
CA TYR A 277 10.73 -22.98 15.54
C TYR A 277 11.24 -23.84 16.69
N ARG A 278 12.44 -23.55 17.21
CA ARG A 278 12.96 -24.33 18.33
C ARG A 278 12.07 -24.23 19.57
N GLU A 279 11.58 -23.02 19.84
CA GLU A 279 10.72 -22.79 20.98
C GLU A 279 9.43 -23.61 20.83
N LYS A 280 8.85 -23.62 19.62
CA LYS A 280 7.61 -24.40 19.46
C LYS A 280 7.86 -25.89 19.71
N ILE A 281 9.01 -26.41 19.30
CA ILE A 281 9.29 -27.83 19.53
C ILE A 281 9.31 -28.14 21.03
N VAL A 282 9.98 -27.32 21.83
N VAL A 282 9.97 -27.27 21.79
CA VAL A 282 10.00 -27.63 23.25
CA VAL A 282 10.07 -27.42 23.22
C VAL A 282 8.66 -27.34 23.92
C VAL A 282 8.72 -27.29 23.91
N MET A 283 7.92 -26.34 23.44
CA MET A 283 6.61 -26.08 24.05
C MET A 283 5.56 -27.15 23.75
N ILE A 284 5.66 -27.76 22.57
CA ILE A 284 4.74 -28.87 22.23
C ILE A 284 4.97 -29.98 23.25
N GLU A 285 6.24 -30.26 23.55
CA GLU A 285 6.60 -31.30 24.53
C GLU A 285 6.07 -30.94 25.92
N GLN A 286 6.19 -29.67 26.28
CA GLN A 286 5.73 -29.22 27.58
C GLN A 286 4.21 -29.30 27.68
N PHE A 287 3.50 -28.98 26.59
CA PHE A 287 2.06 -29.09 26.64
C PHE A 287 1.64 -30.55 26.78
N TYR A 288 2.34 -31.45 26.11
CA TYR A 288 2.03 -32.87 26.24
C TYR A 288 2.19 -33.28 27.71
N ARG A 289 3.24 -32.79 28.37
N ARG A 289 3.24 -32.80 28.36
CA ARG A 289 3.45 -33.12 29.78
CA ARG A 289 3.45 -33.12 29.76
C ARG A 289 2.28 -32.56 30.60
C ARG A 289 2.29 -32.56 30.60
N TYR A 290 1.84 -31.34 30.29
CA TYR A 290 0.72 -30.76 31.03
C TYR A 290 -0.52 -31.66 30.89
N VAL A 291 -0.79 -32.13 29.67
CA VAL A 291 -1.96 -32.98 29.47
C VAL A 291 -1.84 -34.27 30.26
N GLN A 292 -0.66 -34.89 30.21
CA GLN A 292 -0.49 -36.16 30.92
C GLN A 292 -0.58 -36.01 32.43
N GLU A 293 0.01 -34.96 32.97
CA GLU A 293 0.03 -34.74 34.42
C GLU A 293 -1.20 -34.10 35.03
N ASN A 294 -2.09 -33.57 34.21
CA ASN A 294 -3.26 -32.90 34.77
C ASN A 294 -4.59 -33.51 34.39
N ARG A 295 -4.57 -34.57 33.60
CA ARG A 295 -5.85 -35.14 33.20
C ARG A 295 -6.59 -35.86 34.31
N ALA A 296 -5.88 -36.55 35.19
CA ALA A 296 -6.50 -37.30 36.29
C ALA A 296 -7.45 -36.46 37.16
N ASP A 297 -7.10 -35.21 37.45
CA ASP A 297 -8.00 -34.40 38.27
C ASP A 297 -8.87 -33.46 37.47
N GLY A 298 -8.92 -33.69 36.16
CA GLY A 298 -9.75 -32.86 35.33
C GLY A 298 -9.26 -31.45 35.06
N TYR A 299 -7.94 -31.27 34.97
CA TYR A 299 -7.37 -29.95 34.64
C TYR A 299 -7.82 -28.81 35.56
N GLN A 300 -7.73 -29.06 36.86
CA GLN A 300 -8.10 -28.03 37.84
C GLN A 300 -7.11 -26.87 37.79
N THR A 301 -5.86 -27.17 37.43
CA THR A 301 -4.83 -26.14 37.36
C THR A 301 -4.72 -25.64 35.92
N PRO A 302 -4.93 -24.33 35.68
CA PRO A 302 -4.82 -23.79 34.32
C PRO A 302 -3.41 -23.97 33.77
N TRP A 303 -3.30 -24.05 32.46
CA TRP A 303 -2.01 -24.17 31.81
C TRP A 303 -1.05 -23.03 32.23
N SER A 304 -1.54 -21.80 32.25
CA SER A 304 -0.64 -20.68 32.57
C SER A 304 -0.01 -20.83 33.95
N VAL A 305 -0.84 -21.22 34.92
CA VAL A 305 -0.38 -21.43 36.29
C VAL A 305 0.61 -22.60 36.36
N TRP A 306 0.24 -23.72 35.73
CA TRP A 306 1.10 -24.89 35.74
C TRP A 306 2.45 -24.61 35.07
N LEU A 307 2.44 -23.85 33.98
CA LEU A 307 3.66 -23.57 33.25
C LEU A 307 4.63 -22.69 34.06
N LYS A 308 4.09 -21.77 34.85
CA LYS A 308 4.94 -20.94 35.69
C LYS A 308 5.61 -21.81 36.77
N SER A 309 4.92 -22.83 37.28
CA SER A 309 5.57 -23.68 38.29
C SER A 309 6.40 -24.81 37.67
N HIS A 310 6.20 -25.06 36.36
CA HIS A 310 6.94 -26.10 35.64
C HIS A 310 7.45 -25.50 34.32
N PRO A 311 8.38 -24.55 34.41
CA PRO A 311 8.90 -23.93 33.19
C PRO A 311 9.63 -24.86 32.23
N ALA A 312 9.51 -24.56 30.95
CA ALA A 312 10.16 -25.34 29.91
C ALA A 312 11.63 -24.95 29.87
N LYS A 313 12.45 -25.84 29.33
CA LYS A 313 13.88 -25.56 29.22
C LYS A 313 14.26 -25.51 27.75
N ALA A 314 15.15 -24.59 27.41
CA ALA A 314 15.61 -24.44 26.04
C ALA A 314 16.44 -25.66 25.64
N THR B 2 -26.92 25.57 -23.87
CA THR B 2 -26.05 25.58 -22.66
C THR B 2 -25.07 24.41 -22.67
N VAL B 3 -23.80 24.71 -22.40
CA VAL B 3 -22.72 23.75 -22.38
C VAL B 3 -22.35 23.50 -20.93
N THR B 4 -22.29 22.24 -20.52
CA THR B 4 -21.96 21.90 -19.14
C THR B 4 -20.51 22.20 -18.78
N GLU B 5 -19.59 21.82 -19.66
CA GLU B 5 -18.16 22.08 -19.42
C GLU B 5 -17.52 22.57 -20.72
N PRO B 6 -16.98 23.78 -20.69
CA PRO B 6 -16.35 24.33 -21.88
C PRO B 6 -15.00 23.66 -22.16
N VAL B 7 -14.51 23.82 -23.39
CA VAL B 7 -13.19 23.30 -23.74
C VAL B 7 -12.19 23.99 -22.78
N GLY B 8 -11.24 23.22 -22.26
CA GLY B 8 -10.27 23.72 -21.30
C GLY B 8 -10.67 23.33 -19.89
N SER B 9 -11.90 22.84 -19.73
CA SER B 9 -12.42 22.44 -18.43
C SER B 9 -12.98 21.02 -18.44
N TYR B 10 -12.55 20.21 -19.41
CA TYR B 10 -13.07 18.84 -19.48
C TYR B 10 -12.92 18.04 -18.19
N ALA B 11 -11.81 18.20 -17.47
CA ALA B 11 -11.61 17.41 -16.25
C ALA B 11 -12.68 17.64 -15.17
N ARG B 12 -13.38 18.76 -15.24
CA ARG B 12 -14.44 19.05 -14.27
C ARG B 12 -15.57 18.03 -14.36
N ALA B 13 -15.64 17.28 -15.47
CA ALA B 13 -16.69 16.25 -15.60
C ALA B 13 -16.33 14.95 -14.90
N GLU B 14 -15.06 14.80 -14.49
CA GLU B 14 -14.67 13.55 -13.83
C GLU B 14 -15.10 13.59 -12.35
N ARG B 15 -15.34 12.40 -11.77
CA ARG B 15 -15.81 12.29 -10.38
C ARG B 15 -14.64 12.06 -9.44
N PRO B 16 -14.33 13.05 -8.58
CA PRO B 16 -13.21 12.90 -7.64
C PRO B 16 -13.25 11.65 -6.80
N GLN B 17 -14.45 11.23 -6.42
CA GLN B 17 -14.55 10.06 -5.54
C GLN B 17 -14.03 8.78 -6.17
N ASP B 18 -13.83 8.77 -7.49
CA ASP B 18 -13.34 7.58 -8.15
C ASP B 18 -11.82 7.52 -8.28
N PHE B 19 -11.12 8.52 -7.73
CA PHE B 19 -9.67 8.56 -7.84
C PHE B 19 -9.00 8.94 -6.52
N GLU B 20 -9.59 8.56 -5.39
CA GLU B 20 -9.02 8.94 -4.08
C GLU B 20 -7.66 8.29 -3.82
N GLY B 21 -6.82 9.02 -3.08
CA GLY B 21 -5.49 8.55 -2.79
C GLY B 21 -5.46 7.25 -1.99
N PHE B 22 -4.45 6.41 -2.24
CA PHE B 22 -4.38 5.15 -1.51
C PHE B 22 -2.95 4.71 -1.14
N VAL B 23 -1.94 5.47 -1.57
CA VAL B 23 -0.56 5.07 -1.24
C VAL B 23 0.42 6.22 -1.33
N TRP B 24 1.46 6.16 -0.51
CA TRP B 24 2.54 7.14 -0.59
C TRP B 24 3.46 6.63 -1.72
N ARG B 25 3.40 7.31 -2.87
CA ARG B 25 4.21 6.98 -4.02
C ARG B 25 5.61 7.60 -3.91
N LEU B 26 6.64 6.82 -4.23
CA LEU B 26 8.03 7.33 -4.21
C LEU B 26 8.18 8.22 -5.45
N ASP B 27 8.48 9.51 -5.25
CA ASP B 27 8.57 10.43 -6.40
C ASP B 27 9.92 10.44 -7.11
N ASN B 28 10.99 10.07 -6.39
CA ASN B 28 12.31 10.00 -7.01
C ASN B 28 13.16 9.11 -6.12
N ASP B 29 13.83 8.13 -6.72
CA ASP B 29 14.66 7.19 -5.94
C ASP B 29 15.99 7.75 -5.44
N GLY B 30 16.29 8.98 -5.85
CA GLY B 30 17.50 9.63 -5.42
C GLY B 30 18.83 9.09 -5.91
N LYS B 31 18.81 8.22 -6.91
CA LYS B 31 20.07 7.66 -7.39
C LYS B 31 20.93 8.61 -8.24
N GLU B 32 20.28 9.48 -9.00
CA GLU B 32 20.99 10.45 -9.85
C GLU B 32 21.21 11.78 -9.15
N ALA B 33 22.22 12.53 -9.60
CA ALA B 33 22.53 13.81 -9.00
C ALA B 33 21.46 14.88 -9.26
N LEU B 34 20.78 14.75 -10.39
CA LEU B 34 19.74 15.72 -10.74
C LEU B 34 18.41 15.03 -10.97
N PRO B 35 17.31 15.80 -10.92
CA PRO B 35 15.99 15.21 -11.15
C PRO B 35 15.93 14.82 -12.64
N ARG B 36 14.91 14.07 -13.04
N ARG B 36 14.92 14.05 -13.04
CA ARG B 36 14.73 13.64 -14.41
CA ARG B 36 14.81 13.66 -14.44
C ARG B 36 14.19 14.76 -15.31
C ARG B 36 14.28 14.79 -15.30
N ASN B 37 14.50 14.68 -16.60
CA ASN B 37 14.03 15.70 -17.55
C ASN B 37 14.46 17.12 -17.20
N PHE B 38 15.62 17.24 -16.56
CA PHE B 38 16.11 18.57 -16.23
C PHE B 38 16.59 19.29 -17.50
N ARG B 39 16.16 20.54 -17.68
CA ARG B 39 16.60 21.33 -18.82
C ARG B 39 16.44 22.79 -18.51
N THR B 40 17.21 23.63 -19.22
CA THR B 40 17.09 25.08 -19.06
C THR B 40 16.97 25.72 -20.43
N SER B 41 16.47 26.95 -20.46
CA SER B 41 16.30 27.69 -21.70
C SER B 41 17.64 28.07 -22.37
N ALA B 42 18.75 27.82 -21.69
CA ALA B 42 20.06 28.11 -22.28
C ALA B 42 20.60 26.90 -23.05
N ASP B 43 19.92 25.75 -22.96
CA ASP B 43 20.40 24.53 -23.58
C ASP B 43 20.33 24.47 -25.10
N ALA B 44 21.17 23.62 -25.68
CA ALA B 44 21.18 23.42 -27.13
C ALA B 44 19.93 22.64 -27.53
N LEU B 45 19.41 22.89 -28.73
CA LEU B 45 18.23 22.19 -29.22
C LEU B 45 18.64 20.81 -29.76
N ARG B 46 17.87 19.78 -29.45
CA ARG B 46 18.17 18.43 -29.91
C ARG B 46 17.15 18.03 -30.96
N ALA B 47 17.37 16.89 -31.60
CA ALA B 47 16.43 16.41 -32.60
C ALA B 47 15.08 16.12 -31.92
N PRO B 48 13.97 16.36 -32.62
CA PRO B 48 12.66 16.10 -32.03
C PRO B 48 12.37 14.61 -31.88
N GLU B 49 11.53 14.27 -30.91
CA GLU B 49 11.14 12.87 -30.69
C GLU B 49 10.23 12.43 -31.82
N LYS B 50 10.44 11.21 -32.31
CA LYS B 50 9.66 10.70 -33.44
C LYS B 50 8.15 10.63 -33.24
N LYS B 51 7.70 10.39 -32.01
CA LYS B 51 6.27 10.30 -31.77
C LYS B 51 5.50 11.56 -32.12
N PHE B 52 6.18 12.71 -32.19
CA PHE B 52 5.46 13.94 -32.53
C PHE B 52 5.39 14.25 -34.03
N HIS B 53 6.08 13.44 -34.84
CA HIS B 53 6.05 13.62 -36.30
C HIS B 53 6.35 15.05 -36.74
N LEU B 54 7.46 15.57 -36.25
CA LEU B 54 7.90 16.94 -36.56
C LEU B 54 8.94 16.93 -37.67
N ASP B 55 9.28 18.14 -38.14
CA ASP B 55 10.28 18.34 -39.18
C ASP B 55 11.65 18.46 -38.50
N ALA B 56 12.46 17.41 -38.61
CA ALA B 56 13.78 17.36 -37.97
C ALA B 56 14.76 18.35 -38.60
N ALA B 57 14.41 18.84 -39.77
CA ALA B 57 15.26 19.81 -40.45
C ALA B 57 14.91 21.24 -40.10
N TYR B 58 13.77 21.45 -39.43
CA TYR B 58 13.36 22.81 -39.07
C TYR B 58 14.21 23.35 -37.92
N VAL B 59 14.71 24.58 -38.07
CA VAL B 59 15.53 25.18 -37.03
C VAL B 59 14.73 26.34 -36.43
N PRO B 60 14.18 26.15 -35.23
CA PRO B 60 13.43 27.26 -34.68
C PRO B 60 14.28 28.43 -34.23
N SER B 61 13.68 29.61 -34.23
CA SER B 61 14.38 30.81 -33.76
C SER B 61 14.68 30.66 -32.28
N ARG B 62 15.86 31.10 -31.87
CA ARG B 62 16.22 31.05 -30.45
C ARG B 62 16.08 32.44 -29.85
N GLU B 63 15.45 33.36 -30.59
N GLU B 63 15.45 33.35 -30.59
CA GLU B 63 15.26 34.74 -30.13
CA GLU B 63 15.29 34.72 -30.10
C GLU B 63 14.65 34.83 -28.73
C GLU B 63 14.70 34.74 -28.70
N GLY B 64 15.38 35.43 -27.80
CA GLY B 64 14.89 35.56 -26.43
C GLY B 64 15.23 34.42 -25.47
N MET B 65 15.73 33.31 -25.98
N MET B 65 15.74 33.31 -25.99
CA MET B 65 16.04 32.20 -25.08
CA MET B 65 16.08 32.14 -25.16
C MET B 65 17.12 32.51 -24.06
C MET B 65 17.16 32.42 -24.12
N ASP B 66 18.19 33.17 -24.48
CA ASP B 66 19.26 33.49 -23.54
C ASP B 66 18.80 34.34 -22.35
N ALA B 67 17.75 35.13 -22.55
CA ALA B 67 17.22 35.98 -21.50
C ALA B 67 15.99 35.41 -20.80
N LEU B 68 15.49 34.28 -21.30
CA LEU B 68 14.25 33.70 -20.76
C LEU B 68 14.37 33.28 -19.29
N HIS B 69 15.48 32.63 -18.96
CA HIS B 69 15.76 32.24 -17.59
C HIS B 69 14.75 31.32 -16.92
N ILE B 70 14.48 30.20 -17.57
CA ILE B 70 13.59 29.21 -16.96
C ILE B 70 14.18 27.84 -17.12
N SER B 71 13.69 26.93 -16.31
CA SER B 71 14.14 25.55 -16.37
C SER B 71 12.96 24.68 -15.94
N GLY B 72 13.10 23.37 -16.16
CA GLY B 72 12.05 22.45 -15.75
C GLY B 72 12.65 21.11 -15.34
N SER B 73 11.91 20.34 -14.55
CA SER B 73 12.36 19.01 -14.15
C SER B 73 11.21 18.24 -13.53
N SER B 74 11.51 16.98 -13.22
CA SER B 74 10.58 16.09 -12.53
C SER B 74 10.73 16.44 -11.04
N ALA B 75 10.04 15.69 -10.19
CA ALA B 75 10.17 15.83 -8.74
C ALA B 75 11.58 15.41 -8.35
N PHE B 76 11.96 15.76 -7.12
CA PHE B 76 13.34 15.53 -6.69
C PHE B 76 13.51 15.27 -5.20
N THR B 77 14.68 14.75 -4.83
CA THR B 77 15.01 14.57 -3.41
C THR B 77 15.58 15.94 -2.99
N PRO B 78 15.74 16.18 -1.69
CA PRO B 78 16.30 17.45 -1.22
C PRO B 78 17.74 17.65 -1.76
N ALA B 79 18.55 16.58 -1.80
CA ALA B 79 19.90 16.68 -2.33
C ALA B 79 19.90 17.08 -3.80
N GLN B 80 18.98 16.52 -4.58
CA GLN B 80 18.90 16.85 -5.99
C GLN B 80 18.50 18.30 -6.17
N LEU B 81 17.59 18.80 -5.34
CA LEU B 81 17.17 20.20 -5.47
C LEU B 81 18.35 21.12 -5.12
N LYS B 82 19.18 20.72 -4.17
CA LYS B 82 20.32 21.57 -3.85
C LYS B 82 21.26 21.62 -5.05
N ASN B 83 21.39 20.49 -5.75
CA ASN B 83 22.25 20.46 -6.92
C ASN B 83 21.68 21.35 -8.02
N VAL B 84 20.35 21.33 -8.16
CA VAL B 84 19.70 22.18 -9.17
C VAL B 84 19.93 23.65 -8.81
N ALA B 85 19.70 24.00 -7.55
CA ALA B 85 19.86 25.39 -7.10
C ALA B 85 21.29 25.89 -7.35
N ALA B 86 22.29 25.06 -7.06
CA ALA B 86 23.67 25.49 -7.27
C ALA B 86 23.93 25.72 -8.76
N LYS B 87 23.45 24.81 -9.59
CA LYS B 87 23.61 24.93 -11.03
C LYS B 87 22.96 26.21 -11.55
N LEU B 88 21.74 26.49 -11.09
CA LEU B 88 21.05 27.68 -11.55
C LEU B 88 21.70 28.96 -11.03
N ARG B 89 22.28 28.93 -9.82
CA ARG B 89 22.94 30.13 -9.29
C ARG B 89 24.12 30.51 -10.19
N GLU B 90 24.69 29.56 -10.92
CA GLU B 90 25.79 29.91 -11.83
C GLU B 90 25.30 30.77 -13.01
N LYS B 91 23.98 30.77 -13.25
CA LYS B 91 23.38 31.47 -14.37
C LYS B 91 22.68 32.79 -14.07
N THR B 92 22.56 33.14 -12.80
CA THR B 92 21.86 34.36 -12.48
C THR B 92 22.19 34.85 -11.09
N ALA B 93 21.96 36.15 -10.85
CA ALA B 93 22.18 36.73 -9.54
C ALA B 93 20.83 37.16 -9.01
N GLY B 94 19.75 36.72 -9.68
CA GLY B 94 18.43 37.11 -9.22
C GLY B 94 17.82 36.01 -8.38
N PRO B 95 16.59 36.20 -7.89
CA PRO B 95 15.96 35.16 -7.07
C PRO B 95 15.64 33.96 -7.93
N ILE B 96 15.82 32.76 -7.39
CA ILE B 96 15.55 31.53 -8.11
C ILE B 96 14.31 30.94 -7.45
N TYR B 97 13.26 30.76 -8.22
CA TYR B 97 12.03 30.22 -7.66
C TYR B 97 11.80 28.76 -7.98
N ASP B 98 11.35 28.01 -6.98
CA ASP B 98 10.93 26.62 -7.19
C ASP B 98 9.42 26.82 -7.40
N VAL B 99 8.95 26.64 -8.65
CA VAL B 99 7.53 26.80 -8.96
C VAL B 99 6.95 25.39 -9.03
N ASP B 100 6.27 25.03 -7.94
CA ASP B 100 5.69 23.69 -7.71
C ASP B 100 4.29 23.70 -8.29
N LEU B 101 4.11 22.91 -9.35
CA LEU B 101 2.86 22.87 -10.09
C LEU B 101 1.95 21.70 -9.70
N ARG B 102 2.23 21.06 -8.59
CA ARG B 102 1.48 19.86 -8.20
C ARG B 102 0.21 20.02 -7.39
N GLN B 103 -0.92 19.56 -7.91
CA GLN B 103 -2.14 19.62 -7.12
C GLN B 103 -2.13 18.47 -6.08
N GLU B 104 -1.51 17.35 -6.44
CA GLU B 104 -1.46 16.21 -5.52
C GLU B 104 -0.66 16.59 -4.25
N SER B 105 -1.08 16.02 -3.13
CA SER B 105 -0.41 16.29 -1.85
C SER B 105 0.92 15.57 -1.89
N HIS B 106 1.97 16.29 -1.53
CA HIS B 106 3.31 15.71 -1.56
C HIS B 106 4.21 16.38 -0.53
N GLY B 107 5.33 15.72 -0.25
CA GLY B 107 6.26 16.26 0.72
C GLY B 107 7.43 15.34 0.87
N TYR B 108 8.04 15.37 2.04
CA TYR B 108 9.22 14.56 2.31
C TYR B 108 9.08 13.87 3.66
N LEU B 109 9.24 12.55 3.64
CA LEU B 109 9.18 11.73 4.86
C LEU B 109 10.61 11.20 5.05
N ASP B 110 11.27 11.62 6.12
CA ASP B 110 12.66 11.25 6.36
C ASP B 110 13.51 11.60 5.13
N GLY B 111 13.19 12.75 4.52
CA GLY B 111 13.91 13.25 3.35
C GLY B 111 13.57 12.57 2.04
N ILE B 112 12.62 11.63 2.06
CA ILE B 112 12.23 10.88 0.88
C ILE B 112 11.04 11.60 0.24
N PRO B 113 11.15 11.98 -1.05
CA PRO B 113 10.04 12.66 -1.72
C PRO B 113 8.90 11.69 -2.03
N VAL B 114 7.72 12.00 -1.49
CA VAL B 114 6.54 11.15 -1.68
C VAL B 114 5.30 11.99 -2.02
N SER B 115 4.29 11.33 -2.60
CA SER B 115 3.04 11.99 -2.93
C SER B 115 1.92 10.99 -2.63
N TRP B 116 0.77 11.52 -2.21
CA TRP B 116 -0.39 10.68 -1.89
C TRP B 116 -1.08 10.47 -3.23
N TYR B 117 -0.88 9.26 -3.74
CA TYR B 117 -1.32 8.88 -5.07
C TYR B 117 -2.65 8.17 -5.14
N GLY B 118 -3.54 8.70 -5.99
CA GLY B 118 -4.82 8.06 -6.29
C GLY B 118 -4.73 7.73 -7.77
N GLU B 119 -5.62 6.91 -8.31
CA GLU B 119 -5.57 6.57 -9.75
C GLU B 119 -5.46 7.85 -10.60
N ARG B 120 -4.64 7.78 -11.65
CA ARG B 120 -4.35 8.89 -12.57
C ARG B 120 -3.67 10.08 -11.89
N ASP B 121 -3.23 9.86 -10.64
CA ASP B 121 -2.61 10.93 -9.83
C ASP B 121 -3.66 12.03 -9.58
N TRP B 122 -4.92 11.61 -9.44
CA TRP B 122 -6.03 12.54 -9.22
C TRP B 122 -6.60 12.55 -7.80
N ALA B 123 -5.75 12.31 -6.81
CA ALA B 123 -6.22 12.27 -5.42
C ALA B 123 -6.79 13.59 -4.89
N ASN B 124 -6.43 14.72 -5.51
CA ASN B 124 -6.99 16.00 -5.07
C ASN B 124 -7.87 16.64 -6.15
N LEU B 125 -8.29 15.84 -7.11
CA LEU B 125 -9.15 16.34 -8.17
C LEU B 125 -10.39 17.02 -7.56
N GLY B 126 -10.76 18.19 -8.10
CA GLY B 126 -11.96 18.86 -7.60
C GLY B 126 -11.79 19.73 -6.37
N LYS B 127 -10.63 19.65 -5.74
CA LYS B 127 -10.39 20.47 -4.57
C LYS B 127 -9.88 21.85 -4.96
N SER B 128 -10.25 22.85 -4.18
CA SER B 128 -9.72 24.20 -4.44
C SER B 128 -8.25 24.11 -4.02
N GLN B 129 -7.44 25.10 -4.40
CA GLN B 129 -6.04 25.04 -3.99
C GLN B 129 -5.94 25.04 -2.47
N HIS B 130 -6.80 25.82 -1.82
CA HIS B 130 -6.79 25.86 -0.36
C HIS B 130 -7.03 24.46 0.24
N GLU B 131 -8.06 23.78 -0.27
CA GLU B 131 -8.39 22.44 0.23
C GLU B 131 -7.29 21.41 -0.09
N ALA B 132 -6.66 21.52 -1.26
CA ALA B 132 -5.57 20.59 -1.62
C ALA B 132 -4.38 20.79 -0.67
N LEU B 133 -4.03 22.05 -0.40
CA LEU B 133 -2.90 22.30 0.49
C LEU B 133 -3.22 21.94 1.94
N ALA B 134 -4.49 22.07 2.35
CA ALA B 134 -4.89 21.68 3.72
C ALA B 134 -4.77 20.16 3.86
N ASP B 135 -5.21 19.44 2.82
CA ASP B 135 -5.10 17.97 2.82
C ASP B 135 -3.63 17.59 2.97
N GLU B 136 -2.78 18.24 2.18
CA GLU B 136 -1.35 17.96 2.21
C GLU B 136 -0.75 18.19 3.59
N ARG B 137 -1.08 19.33 4.19
CA ARG B 137 -0.55 19.64 5.53
C ARG B 137 -0.98 18.60 6.54
N HIS B 138 -2.28 18.29 6.54
N HIS B 138 -2.28 18.29 6.54
CA HIS B 138 -2.80 17.31 7.49
CA HIS B 138 -2.83 17.31 7.47
C HIS B 138 -2.17 15.92 7.31
C HIS B 138 -2.21 15.93 7.31
N ARG B 139 -2.07 15.47 6.06
CA ARG B 139 -1.50 14.15 5.78
C ARG B 139 -0.05 14.03 6.15
N LEU B 140 0.73 15.08 5.88
CA LEU B 140 2.14 15.04 6.22
C LEU B 140 2.28 15.02 7.73
N HIS B 141 1.53 15.87 8.42
CA HIS B 141 1.65 15.90 9.88
C HIS B 141 1.23 14.57 10.49
N ALA B 142 0.20 13.96 9.94
CA ALA B 142 -0.28 12.67 10.46
C ALA B 142 0.73 11.53 10.29
N ALA B 143 1.67 11.66 9.36
CA ALA B 143 2.65 10.63 9.14
C ALA B 143 3.77 10.64 10.16
N LEU B 144 3.98 11.77 10.83
CA LEU B 144 5.09 11.85 11.79
C LEU B 144 4.92 10.83 12.92
N HIS B 145 5.97 10.04 13.15
CA HIS B 145 6.02 9.01 14.19
C HIS B 145 5.08 7.86 13.93
N LYS B 146 4.62 7.74 12.69
CA LYS B 146 3.75 6.64 12.32
C LYS B 146 4.45 5.78 11.27
N THR B 147 3.96 4.56 11.10
CA THR B 147 4.55 3.66 10.13
C THR B 147 3.89 3.86 8.78
N VAL B 148 4.72 4.04 7.76
CA VAL B 148 4.22 4.25 6.40
C VAL B 148 4.81 3.28 5.40
N TYR B 149 4.10 3.09 4.29
CA TYR B 149 4.53 2.23 3.22
C TYR B 149 4.75 3.18 2.04
N ILE B 150 5.99 3.25 1.57
CA ILE B 150 6.35 4.13 0.46
C ILE B 150 6.74 3.24 -0.71
N ALA B 151 6.09 3.41 -1.84
CA ALA B 151 6.44 2.54 -2.95
C ALA B 151 6.46 3.15 -4.34
N PRO B 152 7.29 2.61 -5.22
CA PRO B 152 7.33 3.12 -6.59
C PRO B 152 6.16 2.40 -7.25
N LEU B 153 5.62 2.96 -8.33
CA LEU B 153 4.54 2.31 -9.06
C LEU B 153 5.19 1.46 -10.15
N GLY B 154 4.62 0.30 -10.42
CA GLY B 154 5.21 -0.55 -11.44
C GLY B 154 4.14 -1.02 -12.39
N LYS B 155 4.00 -2.34 -12.50
CA LYS B 155 3.01 -2.92 -13.38
C LYS B 155 1.65 -2.40 -12.95
N HIS B 156 0.84 -2.05 -13.96
CA HIS B 156 -0.52 -1.54 -13.81
C HIS B 156 -0.62 -0.19 -13.08
N LYS B 157 0.50 0.51 -12.91
CA LYS B 157 0.47 1.77 -12.17
C LYS B 157 0.07 1.47 -10.73
N LEU B 158 0.47 0.31 -10.23
CA LEU B 158 0.19 -0.05 -8.85
C LEU B 158 1.50 -0.25 -8.10
N PRO B 159 1.47 -0.16 -6.77
CA PRO B 159 2.67 -0.34 -5.96
C PRO B 159 3.39 -1.65 -6.24
N GLU B 160 4.72 -1.59 -6.24
CA GLU B 160 5.50 -2.81 -6.43
C GLU B 160 6.75 -2.67 -5.56
N GLY B 161 6.83 -3.49 -4.53
CA GLY B 161 8.00 -3.44 -3.66
C GLY B 161 7.94 -2.21 -2.78
N GLY B 162 9.06 -1.54 -2.58
CA GLY B 162 9.05 -0.34 -1.76
C GLY B 162 9.68 -0.57 -0.41
N GLU B 163 9.28 0.23 0.57
CA GLU B 163 9.81 0.11 1.91
C GLU B 163 8.81 0.54 2.95
N VAL B 164 9.02 0.07 4.17
CA VAL B 164 8.16 0.40 5.29
C VAL B 164 9.06 1.05 6.33
N ARG B 165 8.65 2.20 6.84
CA ARG B 165 9.45 2.87 7.85
C ARG B 165 8.59 3.65 8.82
N ARG B 166 9.13 3.89 10.02
CA ARG B 166 8.43 4.66 11.02
C ARG B 166 9.07 6.05 10.90
N VAL B 167 8.29 7.00 10.41
CA VAL B 167 8.76 8.36 10.13
C VAL B 167 9.21 9.21 11.30
N GLN B 168 10.42 9.78 11.19
CA GLN B 168 10.96 10.63 12.24
C GLN B 168 11.05 12.11 11.85
N LYS B 169 10.78 12.42 10.58
CA LYS B 169 10.86 13.80 10.14
C LYS B 169 9.92 13.99 8.96
N VAL B 170 9.21 15.11 8.98
N VAL B 170 9.17 15.10 8.96
CA VAL B 170 8.30 15.45 7.90
CA VAL B 170 8.25 15.41 7.87
C VAL B 170 8.61 16.87 7.46
C VAL B 170 8.39 16.88 7.45
N GLN B 171 8.59 17.09 6.16
CA GLN B 171 8.82 18.43 5.61
C GLN B 171 7.95 18.66 4.41
N THR B 172 7.57 19.92 4.20
CA THR B 172 6.80 20.29 3.02
C THR B 172 7.83 20.67 1.96
N GLU B 173 7.38 20.79 0.72
CA GLU B 173 8.31 21.19 -0.32
C GLU B 173 8.78 22.63 -0.10
N GLN B 174 7.91 23.48 0.46
CA GLN B 174 8.31 24.86 0.71
C GLN B 174 9.54 24.89 1.63
N GLU B 175 9.54 24.02 2.64
CA GLU B 175 10.68 23.96 3.55
C GLU B 175 11.94 23.48 2.84
N VAL B 176 11.79 22.48 1.98
CA VAL B 176 12.94 21.94 1.24
C VAL B 176 13.49 22.99 0.26
N ALA B 177 12.59 23.73 -0.39
CA ALA B 177 13.03 24.77 -1.34
C ALA B 177 13.80 25.85 -0.59
N GLU B 178 13.24 26.29 0.53
CA GLU B 178 13.92 27.34 1.29
C GLU B 178 15.30 26.87 1.76
N ALA B 179 15.40 25.59 2.14
CA ALA B 179 16.69 25.04 2.56
C ALA B 179 17.70 25.00 1.41
N ALA B 180 17.21 24.95 0.19
CA ALA B 180 18.10 24.93 -0.96
C ALA B 180 18.38 26.36 -1.45
N GLY B 181 17.79 27.36 -0.79
CA GLY B 181 18.04 28.75 -1.18
C GLY B 181 17.14 29.27 -2.29
N MET B 182 16.02 28.61 -2.50
CA MET B 182 15.08 29.02 -3.52
C MET B 182 13.82 29.60 -2.93
N ARG B 183 13.20 30.52 -3.66
CA ARG B 183 11.92 31.06 -3.23
C ARG B 183 10.94 29.96 -3.65
N TYR B 184 9.72 30.00 -3.14
CA TYR B 184 8.75 28.93 -3.45
C TYR B 184 7.43 29.51 -3.88
N PHE B 185 6.81 28.94 -4.91
CA PHE B 185 5.49 29.38 -5.34
C PHE B 185 4.73 28.14 -5.76
N ARG B 186 3.52 27.98 -5.24
CA ARG B 186 2.72 26.79 -5.52
C ARG B 186 1.53 27.06 -6.40
N ILE B 187 1.33 26.22 -7.42
CA ILE B 187 0.13 26.28 -8.28
C ILE B 187 -0.37 24.83 -8.29
N ALA B 188 -1.57 24.63 -7.76
CA ALA B 188 -2.11 23.27 -7.66
C ALA B 188 -2.76 22.84 -8.97
N ALA B 189 -1.95 22.33 -9.90
CA ALA B 189 -2.48 21.89 -11.21
C ALA B 189 -2.61 20.38 -11.25
N THR B 190 -3.71 19.93 -11.83
CA THR B 190 -4.01 18.50 -11.91
C THR B 190 -3.15 17.81 -12.96
N ASP B 191 -2.60 16.65 -12.61
CA ASP B 191 -1.77 15.86 -13.51
C ASP B 191 -2.54 15.47 -14.77
N HIS B 192 -1.85 15.50 -15.92
CA HIS B 192 -2.39 15.04 -17.20
C HIS B 192 -3.35 15.92 -17.96
N VAL B 193 -3.76 17.04 -17.38
CA VAL B 193 -4.73 17.88 -18.06
C VAL B 193 -4.29 19.33 -18.19
N TRP B 194 -5.02 20.08 -19.00
CA TRP B 194 -4.71 21.51 -19.21
C TRP B 194 -4.94 22.27 -17.89
N PRO B 195 -4.01 23.14 -17.47
CA PRO B 195 -4.19 23.90 -16.22
C PRO B 195 -5.50 24.72 -16.27
N THR B 196 -6.15 24.84 -15.13
CA THR B 196 -7.44 25.55 -15.06
C THR B 196 -7.29 27.05 -15.20
N PRO B 197 -8.42 27.75 -15.45
CA PRO B 197 -8.34 29.20 -15.56
C PRO B 197 -7.84 29.79 -14.25
N GLU B 198 -8.19 29.17 -13.12
CA GLU B 198 -7.71 29.64 -11.81
C GLU B 198 -6.21 29.45 -11.70
N ASN B 199 -5.70 28.32 -12.18
CA ASN B 199 -4.25 28.03 -12.14
C ASN B 199 -3.50 29.09 -12.97
N ILE B 200 -4.01 29.34 -14.16
CA ILE B 200 -3.34 30.28 -15.05
C ILE B 200 -3.47 31.72 -14.56
N ASP B 201 -4.64 32.10 -14.05
CA ASP B 201 -4.76 33.47 -13.52
C ASP B 201 -3.74 33.67 -12.37
N ARG B 202 -3.59 32.65 -11.54
CA ARG B 202 -2.67 32.71 -10.41
C ARG B 202 -1.23 32.87 -10.93
N PHE B 203 -0.89 32.11 -11.95
CA PHE B 203 0.46 32.22 -12.51
C PHE B 203 0.72 33.57 -13.14
N LEU B 204 -0.25 34.09 -13.91
CA LEU B 204 -0.01 35.39 -14.54
C LEU B 204 0.13 36.51 -13.52
N ALA B 205 -0.65 36.46 -12.43
CA ALA B 205 -0.55 37.50 -11.40
C ALA B 205 0.85 37.43 -10.76
N PHE B 206 1.33 36.20 -10.54
CA PHE B 206 2.65 35.99 -9.98
C PHE B 206 3.74 36.50 -10.96
N TYR B 207 3.59 36.15 -12.24
CA TYR B 207 4.56 36.55 -13.25
C TYR B 207 4.74 38.06 -13.27
N ARG B 208 3.63 38.78 -13.11
CA ARG B 208 3.69 40.24 -13.12
C ARG B 208 4.46 40.84 -11.96
N THR B 209 4.60 40.10 -10.86
CA THR B 209 5.34 40.59 -9.68
C THR B 209 6.85 40.37 -9.77
N LEU B 210 7.30 39.56 -10.71
CA LEU B 210 8.73 39.20 -10.77
C LEU B 210 9.73 40.25 -11.17
N PRO B 211 10.88 40.27 -10.48
CA PRO B 211 11.89 41.25 -10.87
C PRO B 211 12.46 40.76 -12.19
N GLN B 212 13.13 41.64 -12.92
CA GLN B 212 13.65 41.27 -14.21
C GLN B 212 14.56 40.04 -14.26
N ASP B 213 15.38 39.86 -13.22
CA ASP B 213 16.34 38.77 -13.19
C ASP B 213 15.88 37.50 -12.49
N ALA B 214 14.59 37.37 -12.28
CA ALA B 214 14.11 36.15 -11.63
C ALA B 214 14.31 34.95 -12.55
N TRP B 215 14.61 33.80 -11.93
CA TRP B 215 14.79 32.55 -12.67
C TRP B 215 13.69 31.63 -12.18
N LEU B 216 12.92 31.05 -13.08
CA LEU B 216 11.85 30.15 -12.67
C LEU B 216 12.16 28.71 -12.97
N HIS B 217 12.24 27.91 -11.91
CA HIS B 217 12.43 26.47 -12.10
C HIS B 217 11.08 25.80 -11.88
N PHE B 218 10.46 25.36 -12.98
CA PHE B 218 9.15 24.71 -12.91
C PHE B 218 9.28 23.21 -12.73
N HIS B 219 8.37 22.61 -11.98
CA HIS B 219 8.37 21.15 -11.89
C HIS B 219 7.03 20.66 -11.42
N ALA B 220 6.75 19.40 -11.76
CA ALA B 220 5.58 18.74 -11.22
C ALA B 220 6.08 17.35 -10.81
N GLU B 221 5.46 16.28 -11.31
CA GLU B 221 5.94 14.96 -10.95
C GLU B 221 6.96 14.40 -11.94
N ALA B 222 6.60 14.35 -13.23
CA ALA B 222 7.46 13.77 -14.26
C ALA B 222 8.32 14.76 -15.01
N GLY B 223 7.92 16.04 -15.01
CA GLY B 223 8.65 17.06 -15.74
C GLY B 223 8.23 17.10 -17.19
N VAL B 224 7.01 16.66 -17.47
CA VAL B 224 6.51 16.62 -18.85
C VAL B 224 5.30 17.53 -19.11
N GLY B 225 4.09 17.07 -18.81
CA GLY B 225 2.89 17.84 -19.15
C GLY B 225 2.68 19.21 -18.50
N ARG B 226 2.55 19.24 -17.18
CA ARG B 226 2.30 20.52 -16.51
C ARG B 226 3.57 21.36 -16.59
N THR B 227 4.70 20.69 -16.39
CA THR B 227 5.97 21.39 -16.41
C THR B 227 6.19 22.09 -17.73
N THR B 228 6.00 21.38 -18.85
CA THR B 228 6.20 22.06 -20.14
C THR B 228 5.13 23.12 -20.43
N ALA B 229 3.91 22.90 -19.97
CA ALA B 229 2.83 23.85 -20.25
C ALA B 229 3.17 25.23 -19.69
N PHE B 230 3.67 25.27 -18.46
CA PHE B 230 4.03 26.56 -17.86
C PHE B 230 5.31 27.13 -18.44
N MET B 231 6.24 26.27 -18.88
CA MET B 231 7.43 26.80 -19.54
C MET B 231 7.02 27.46 -20.86
N VAL B 232 6.13 26.81 -21.62
CA VAL B 232 5.63 27.36 -22.87
C VAL B 232 4.89 28.69 -22.63
N MET B 233 4.03 28.74 -21.62
N MET B 233 4.04 28.73 -21.61
CA MET B 233 3.32 29.98 -21.34
CA MET B 233 3.32 29.95 -21.28
C MET B 233 4.26 31.11 -20.96
C MET B 233 4.30 31.08 -21.02
N THR B 234 5.32 30.81 -20.23
CA THR B 234 6.29 31.84 -19.86
C THR B 234 7.04 32.32 -21.11
N ASP B 235 7.40 31.38 -21.98
CA ASP B 235 8.13 31.75 -23.20
C ASP B 235 7.22 32.69 -24.04
N MET B 236 5.94 32.35 -24.16
CA MET B 236 5.01 33.19 -24.91
C MET B 236 4.85 34.59 -24.31
N LEU B 237 4.75 34.66 -23.00
CA LEU B 237 4.60 35.93 -22.32
C LEU B 237 5.83 36.80 -22.46
N LYS B 238 7.00 36.19 -22.28
CA LYS B 238 8.25 36.96 -22.31
C LYS B 238 8.79 37.30 -23.71
N ASN B 239 8.49 36.43 -24.68
CA ASN B 239 8.94 36.58 -26.07
C ASN B 239 7.75 36.54 -27.03
N PRO B 240 6.83 37.51 -26.89
CA PRO B 240 5.64 37.56 -27.74
C PRO B 240 5.84 37.75 -29.22
N SER B 241 7.04 38.15 -29.65
CA SER B 241 7.25 38.31 -31.09
C SER B 241 7.66 36.99 -31.78
N VAL B 242 7.95 35.95 -30.99
CA VAL B 242 8.36 34.65 -31.55
C VAL B 242 7.12 33.88 -32.01
N SER B 243 7.20 33.21 -33.15
CA SER B 243 6.02 32.50 -33.68
C SER B 243 5.62 31.35 -32.78
N LEU B 244 4.33 31.02 -32.80
CA LEU B 244 3.85 29.89 -32.00
C LEU B 244 4.66 28.61 -32.35
N LYS B 245 4.92 28.38 -33.64
CA LYS B 245 5.66 27.20 -34.06
C LYS B 245 7.05 27.15 -33.44
N ASP B 246 7.73 28.30 -33.44
CA ASP B 246 9.05 28.32 -32.86
C ASP B 246 9.03 28.08 -31.36
N ILE B 247 8.04 28.65 -30.66
CA ILE B 247 7.96 28.42 -29.21
C ILE B 247 7.76 26.92 -28.91
N LEU B 248 6.81 26.31 -29.62
CA LEU B 248 6.49 24.90 -29.37
C LEU B 248 7.65 23.98 -29.75
N TYR B 249 8.27 24.24 -30.91
CA TYR B 249 9.42 23.42 -31.29
C TYR B 249 10.59 23.55 -30.31
N ARG B 250 10.93 24.79 -29.93
CA ARG B 250 12.08 24.96 -29.07
C ARG B 250 11.88 24.44 -27.64
N GLN B 251 10.67 24.54 -27.11
CA GLN B 251 10.45 24.03 -25.75
C GLN B 251 10.50 22.50 -25.78
N HIS B 252 10.09 21.91 -26.91
CA HIS B 252 10.20 20.47 -27.03
C HIS B 252 11.67 20.07 -27.21
N GLU B 253 12.39 20.80 -28.08
CA GLU B 253 13.76 20.43 -28.39
C GLU B 253 14.79 20.63 -27.32
N ILE B 254 14.48 21.40 -26.26
CA ILE B 254 15.41 21.46 -25.14
C ILE B 254 15.09 20.38 -24.10
N GLY B 255 14.05 19.58 -24.36
CA GLY B 255 13.72 18.50 -23.44
C GLY B 255 12.32 18.46 -22.87
N GLY B 256 11.39 19.20 -23.44
CA GLY B 256 10.03 19.18 -22.92
C GLY B 256 9.04 18.48 -23.84
N PHE B 257 7.77 18.49 -23.44
CA PHE B 257 6.72 17.92 -24.27
C PHE B 257 6.55 18.81 -25.51
N TYR B 258 5.95 18.28 -26.59
CA TYR B 258 5.65 19.09 -27.77
C TYR B 258 4.15 19.39 -27.70
N TYR B 259 3.83 20.69 -27.55
CA TYR B 259 2.45 21.12 -27.39
C TYR B 259 1.71 21.55 -28.65
N GLY B 260 2.24 21.18 -29.82
CA GLY B 260 1.53 21.50 -31.06
C GLY B 260 0.73 20.29 -31.52
N GLU B 261 0.12 20.41 -32.70
N GLU B 261 0.12 20.42 -32.69
CA GLU B 261 -0.66 19.32 -33.24
CA GLU B 261 -0.67 19.33 -33.22
C GLU B 261 0.23 18.14 -33.61
C GLU B 261 0.22 18.14 -33.62
N PHE B 262 -0.24 16.93 -33.29
CA PHE B 262 0.49 15.72 -33.64
C PHE B 262 -0.50 14.56 -33.62
N PRO B 263 -0.21 13.46 -34.33
CA PRO B 263 -1.13 12.31 -34.34
C PRO B 263 -1.03 11.53 -33.04
N ILE B 264 -2.09 11.63 -32.26
CA ILE B 264 -2.16 11.01 -30.95
C ILE B 264 -2.50 9.54 -31.02
N LYS B 265 -1.74 8.72 -30.31
CA LYS B 265 -2.02 7.29 -30.27
C LYS B 265 -1.62 6.82 -28.88
N THR B 266 -2.57 6.29 -28.13
CA THR B 266 -2.24 5.82 -26.80
C THR B 266 -2.40 4.32 -26.74
N LYS B 267 -1.83 3.71 -25.70
CA LYS B 267 -1.98 2.29 -25.49
C LYS B 267 -3.46 2.19 -25.10
N ASP B 268 -4.09 1.05 -25.33
CA ASP B 268 -5.50 0.89 -24.98
C ASP B 268 -5.84 1.25 -23.53
N LYS B 269 -4.97 0.87 -22.60
CA LYS B 269 -5.19 1.13 -21.18
C LYS B 269 -5.12 2.62 -20.87
N ASP B 270 -4.53 3.40 -21.77
CA ASP B 270 -4.41 4.84 -21.55
C ASP B 270 -5.32 5.64 -22.49
N SER B 271 -6.32 5.00 -23.09
CA SER B 271 -7.20 5.70 -24.02
C SER B 271 -7.92 6.91 -23.40
N TRP B 272 -8.09 6.92 -22.09
CA TRP B 272 -8.74 8.05 -21.43
C TRP B 272 -7.96 9.34 -21.66
N LYS B 273 -6.67 9.22 -21.92
CA LYS B 273 -5.83 10.41 -22.10
C LYS B 273 -6.05 11.14 -23.42
N THR B 274 -6.51 10.43 -24.44
CA THR B 274 -6.67 11.04 -25.76
C THR B 274 -7.34 12.40 -25.82
N LYS B 275 -8.52 12.53 -25.23
CA LYS B 275 -9.20 13.80 -25.30
C LYS B 275 -8.50 14.92 -24.54
N TYR B 276 -7.73 14.55 -23.52
CA TYR B 276 -7.03 15.57 -22.73
C TYR B 276 -5.83 16.07 -23.53
N TYR B 277 -5.20 15.21 -24.33
CA TYR B 277 -4.13 15.69 -25.22
C TYR B 277 -4.72 16.61 -26.28
N ARG B 278 -5.88 16.26 -26.84
CA ARG B 278 -6.49 17.11 -27.86
C ARG B 278 -6.86 18.47 -27.25
N GLU B 279 -7.37 18.43 -26.02
CA GLU B 279 -7.76 19.67 -25.34
C GLU B 279 -6.53 20.54 -25.13
N LYS B 280 -5.42 19.94 -24.73
CA LYS B 280 -4.21 20.78 -24.52
C LYS B 280 -3.76 21.47 -25.80
N ILE B 281 -3.83 20.75 -26.93
CA ILE B 281 -3.43 21.36 -28.19
C ILE B 281 -4.24 22.60 -28.51
N VAL B 282 -5.56 22.49 -28.33
N VAL B 282 -5.56 22.51 -28.36
CA VAL B 282 -6.47 23.59 -28.58
CA VAL B 282 -6.38 23.69 -28.65
C VAL B 282 -6.28 24.77 -27.61
C VAL B 282 -6.18 24.80 -27.62
N MET B 283 -6.02 24.44 -26.35
CA MET B 283 -5.84 25.47 -25.31
C MET B 283 -4.52 26.21 -25.42
N ILE B 284 -3.47 25.52 -25.88
CA ILE B 284 -2.16 26.16 -26.08
C ILE B 284 -2.34 27.25 -27.13
N GLU B 285 -3.10 26.95 -28.18
CA GLU B 285 -3.36 27.91 -29.25
C GLU B 285 -4.18 29.09 -28.71
N GLN B 286 -5.13 28.80 -27.84
CA GLN B 286 -5.97 29.83 -27.27
C GLN B 286 -5.16 30.74 -26.31
N PHE B 287 -4.22 30.17 -25.58
CA PHE B 287 -3.40 30.98 -24.68
C PHE B 287 -2.52 31.92 -25.53
N TYR B 288 -1.96 31.41 -26.64
CA TYR B 288 -1.16 32.26 -27.52
C TYR B 288 -2.02 33.43 -28.00
N ARG B 289 -3.28 33.16 -28.36
N ARG B 289 -3.27 33.17 -28.36
CA ARG B 289 -4.17 34.22 -28.80
CA ARG B 289 -4.15 34.25 -28.81
C ARG B 289 -4.43 35.24 -27.69
C ARG B 289 -4.37 35.25 -27.68
N TYR B 290 -4.58 34.76 -26.46
CA TYR B 290 -4.79 35.67 -25.33
C TYR B 290 -3.56 36.60 -25.20
N VAL B 291 -2.37 36.03 -25.28
CA VAL B 291 -1.17 36.85 -25.15
C VAL B 291 -1.09 37.88 -26.25
N GLN B 292 -1.32 37.46 -27.48
CA GLN B 292 -1.21 38.39 -28.59
C GLN B 292 -2.24 39.50 -28.52
N GLU B 293 -3.46 39.18 -28.08
CA GLU B 293 -4.51 40.18 -28.01
C GLU B 293 -4.51 41.09 -26.79
N ASN B 294 -3.82 40.68 -25.72
CA ASN B 294 -3.86 41.46 -24.49
C ASN B 294 -2.53 42.02 -24.00
N ARG B 295 -1.45 41.74 -24.71
CA ARG B 295 -0.17 42.26 -24.23
C ARG B 295 -0.03 43.78 -24.40
N ALA B 296 -0.57 44.33 -25.49
CA ALA B 296 -0.42 45.76 -25.73
C ALA B 296 -0.98 46.66 -24.63
N ASP B 297 -2.09 46.25 -24.02
CA ASP B 297 -2.65 47.08 -22.95
C ASP B 297 -2.20 46.67 -21.57
N GLY B 298 -1.26 45.73 -21.51
CA GLY B 298 -0.71 45.28 -20.24
C GLY B 298 -1.56 44.31 -19.45
N TYR B 299 -2.35 43.52 -20.16
CA TYR B 299 -3.19 42.50 -19.54
C TYR B 299 -4.13 43.08 -18.50
N GLN B 300 -4.98 44.01 -18.92
CA GLN B 300 -5.91 44.56 -17.96
C GLN B 300 -7.11 43.67 -17.71
N THR B 301 -7.31 42.66 -18.57
CA THR B 301 -8.36 41.67 -18.36
C THR B 301 -7.65 40.31 -18.22
N PRO B 302 -7.98 39.56 -17.16
CA PRO B 302 -7.32 38.26 -16.95
C PRO B 302 -7.75 37.16 -17.91
N TRP B 303 -6.89 36.15 -17.98
CA TRP B 303 -7.14 34.98 -18.82
C TRP B 303 -8.54 34.36 -18.61
N SER B 304 -8.95 34.15 -17.37
CA SER B 304 -10.24 33.50 -17.11
C SER B 304 -11.42 34.25 -17.73
N VAL B 305 -11.40 35.56 -17.58
CA VAL B 305 -12.47 36.39 -18.11
C VAL B 305 -12.43 36.39 -19.64
N TRP B 306 -11.24 36.61 -20.20
CA TRP B 306 -11.11 36.62 -21.65
C TRP B 306 -11.53 35.26 -22.24
N LEU B 307 -11.19 34.17 -21.57
CA LEU B 307 -11.54 32.84 -22.10
C LEU B 307 -13.05 32.60 -22.08
N LYS B 308 -13.75 33.18 -21.11
CA LYS B 308 -15.20 33.02 -21.08
C LYS B 308 -15.86 33.74 -22.25
N SER B 309 -15.30 34.87 -22.69
CA SER B 309 -15.90 35.59 -23.81
C SER B 309 -15.31 35.14 -25.16
N HIS B 310 -14.23 34.36 -25.12
CA HIS B 310 -13.59 33.84 -26.34
C HIS B 310 -13.35 32.37 -26.13
N PRO B 311 -14.44 31.59 -26.02
CA PRO B 311 -14.29 30.15 -25.80
C PRO B 311 -13.54 29.42 -26.88
N ALA B 312 -12.79 28.40 -26.45
CA ALA B 312 -12.02 27.58 -27.36
C ALA B 312 -13.00 26.60 -28.02
N LYS B 313 -12.64 26.16 -29.21
CA LYS B 313 -13.46 25.23 -29.98
C LYS B 313 -12.70 23.91 -30.16
N ALA B 314 -13.42 22.81 -30.03
CA ALA B 314 -12.80 21.49 -30.22
C ALA B 314 -12.40 21.35 -31.69
#